data_6DWZ
#
_entry.id   6DWZ
#
_cell.length_a   96.380
_cell.length_b   121.110
_cell.length_c   132.190
_cell.angle_alpha   90.00
_cell.angle_beta   90.00
_cell.angle_gamma   90.00
#
_symmetry.space_group_name_H-M   'P 21 21 21'
#
loop_
_entity.id
_entity.type
_entity.pdbx_description
1 polymer 'Hermes transposase'
2 polymer "DNA (5'-D(*GP*AP*GP*AP*AP*CP*AP*AP*CP*AP*AP*CP*AP*AP*G)-3')"
3 polymer 'DNA (26-MER)'
4 polymer "DNA (5'-D(*GP*CP*GP*TP*GP*AP*C)-3')"
#
loop_
_entity_poly.entity_id
_entity_poly.type
_entity_poly.pdbx_seq_one_letter_code
_entity_poly.pdbx_strand_id
1 'polypeptide(L)'
;GSHMSRELKTVSADCKKEAIEKCAQWVVRDCRPFSAVSGSGFIDMIKFFIKVGAEYGEHVNVEELLPSPITLSRKVTSDA
KEKKALISREIKSAVEKDGASATIDLWTDNYIKRNFLGVTLHYHENNELRDLILGLKSLDFERSTAENIYKKLKAIFSQF
NVEDLSSIKFVTDRGANVVKSLANNIRINCSSHLLSNVLENSFEETPELNMPILACKNIVKYFKKANLQHRLRSSLKSEC
PTRWNSTYTMLRSILDNWESVIQILSEAGETQRIVHINKSIIQTMVNILDGFERIFKELQTCSSPSLCFVVPSILKVKEI
CSPDVGDVADIAKLKVNIIKNVRIIWEENLSIWHYTAFFFYPPALHMQQEKVAQIKEFCLSKMEDLELINRMSSFNELSA
TQLNQSDSNSHNSIDLTSHSKPVSPSDEFEFYRKEIVILSEDFKVMEWWNLNSKKYPKLSKLALSLLSIPASSAASERTF
SLAGNIITEKRNRIGQQTVDSLLFLNSFYKNFCKLDI
;
A,E
2 'polydeoxyribonucleotide' (DG)(DA)(DG)(DA)(DA)(DC)(DA)(DA)(DC)(DA)(DA)(DC)(DA)(DA)(DG) B,F
3 'polydeoxyribonucleotide'
;(DC)(DT)(DT)(DG)(DT)(DT)(DG)(DT)(DT)(DG)(DT)(DT)(DC)(DT)(DC)(DT)(DG)(DG)(DG)(DT)
(DC)(DA)(DC)(DG)(DC)(DG)
;
C,G
4 'polydeoxyribonucleotide' (DG)(DC)(DG)(DT)(DG)(DA)(DC) D,H
#
loop_
_chem_comp.id
_chem_comp.type
_chem_comp.name
_chem_comp.formula
DA DNA linking 2'-DEOXYADENOSINE-5'-MONOPHOSPHATE 'C10 H14 N5 O6 P'
DC DNA linking 2'-DEOXYCYTIDINE-5'-MONOPHOSPHATE 'C9 H14 N3 O7 P'
DG DNA linking 2'-DEOXYGUANOSINE-5'-MONOPHOSPHATE 'C10 H14 N5 O7 P'
DT DNA linking THYMIDINE-5'-MONOPHOSPHATE 'C10 H15 N2 O8 P'
#
# COMPACT_ATOMS: atom_id res chain seq x y z
N ARG A 6 -8.94 -7.18 -41.39
CA ARG A 6 -8.04 -6.25 -40.71
C ARG A 6 -8.79 -5.33 -39.73
N GLU A 7 -9.46 -4.30 -40.24
CA GLU A 7 -10.10 -3.29 -39.39
C GLU A 7 -11.21 -3.91 -38.54
N LEU A 8 -11.54 -3.23 -37.44
CA LEU A 8 -12.49 -3.73 -36.47
C LEU A 8 -13.50 -2.64 -36.13
N LYS A 9 -14.65 -3.09 -35.65
CA LYS A 9 -15.79 -2.20 -35.56
C LYS A 9 -15.56 -1.16 -34.48
N THR A 10 -15.57 0.09 -34.87
CA THR A 10 -16.01 1.10 -33.93
C THR A 10 -17.43 0.77 -33.49
N VAL A 11 -17.66 0.61 -32.19
CA VAL A 11 -19.02 0.55 -31.61
C VAL A 11 -19.67 1.94 -31.45
N SER A 12 -20.99 1.96 -31.23
CA SER A 12 -21.78 3.20 -31.22
C SER A 12 -21.49 4.13 -30.03
N ALA A 13 -21.87 5.41 -30.21
CA ALA A 13 -21.83 6.39 -29.13
C ALA A 13 -22.56 5.92 -27.88
N ASP A 14 -23.63 5.17 -28.04
CA ASP A 14 -24.34 4.71 -26.86
C ASP A 14 -23.74 3.44 -26.28
N CYS A 15 -22.94 2.73 -27.04
CA CYS A 15 -22.22 1.61 -26.48
C CYS A 15 -20.90 2.04 -25.85
N LYS A 16 -20.19 2.97 -26.49
CA LYS A 16 -19.08 3.61 -25.80
C LYS A 16 -19.56 4.10 -24.45
N LYS A 17 -20.56 4.98 -24.46
CA LYS A 17 -21.02 5.65 -23.26
C LYS A 17 -21.25 4.70 -22.08
N GLU A 18 -21.59 3.44 -22.37
CA GLU A 18 -21.84 2.46 -21.32
C GLU A 18 -20.56 1.77 -20.84
N ALA A 19 -19.60 1.51 -21.72
CA ALA A 19 -18.31 1.05 -21.23
C ALA A 19 -17.72 2.02 -20.22
N ILE A 20 -17.98 3.32 -20.38
CA ILE A 20 -17.62 4.28 -19.34
C ILE A 20 -18.30 3.82 -18.06
N GLU A 21 -19.64 3.98 -17.96
CA GLU A 21 -20.32 3.80 -16.68
C GLU A 21 -20.24 2.38 -16.17
N LYS A 22 -19.70 1.45 -16.92
CA LYS A 22 -19.48 0.15 -16.31
C LYS A 22 -18.15 0.11 -15.57
N CYS A 23 -17.05 0.30 -16.31
CA CYS A 23 -15.73 0.40 -15.70
C CYS A 23 -15.71 1.44 -14.56
N ALA A 24 -16.44 2.52 -14.73
CA ALA A 24 -16.56 3.45 -13.61
C ALA A 24 -17.07 2.72 -12.37
N GLN A 25 -17.98 1.79 -12.56
CA GLN A 25 -18.49 1.14 -11.36
C GLN A 25 -17.53 0.05 -10.88
N TRP A 26 -16.79 -0.58 -11.78
CA TRP A 26 -15.69 -1.45 -11.36
C TRP A 26 -14.78 -0.79 -10.35
N VAL A 27 -14.25 0.36 -10.75
CA VAL A 27 -13.41 1.20 -9.92
C VAL A 27 -14.05 1.43 -8.56
N VAL A 28 -15.37 1.65 -8.53
CA VAL A 28 -15.98 2.05 -7.28
C VAL A 28 -16.23 0.86 -6.37
N ARG A 29 -16.86 -0.18 -6.90
CA ARG A 29 -17.35 -1.26 -6.08
C ARG A 29 -16.29 -2.27 -5.77
N ASP A 30 -15.24 -2.33 -6.59
CA ASP A 30 -14.02 -3.06 -6.29
C ASP A 30 -12.86 -2.19 -5.80
N CYS A 31 -13.04 -0.87 -5.72
CA CYS A 31 -12.00 0.03 -5.22
C CYS A 31 -10.66 -0.31 -5.87
N ARG A 32 -10.57 0.02 -7.16
CA ARG A 32 -9.37 -0.11 -7.95
C ARG A 32 -8.99 1.25 -8.51
N PRO A 33 -7.74 1.41 -8.98
CA PRO A 33 -7.30 2.70 -9.52
C PRO A 33 -7.73 2.91 -10.95
N PHE A 34 -8.05 4.14 -11.30
CA PHE A 34 -8.41 4.38 -12.69
C PHE A 34 -7.39 3.77 -13.65
N SER A 35 -6.11 3.86 -13.34
CA SER A 35 -5.10 3.49 -14.30
C SER A 35 -5.26 2.06 -14.82
N ALA A 36 -6.14 1.24 -14.23
CA ALA A 36 -6.05 -0.18 -14.53
C ALA A 36 -6.80 -0.58 -15.80
N VAL A 37 -7.68 0.29 -16.34
CA VAL A 37 -8.25 0.14 -17.68
C VAL A 37 -7.19 -0.01 -18.74
N SER A 38 -6.04 0.67 -18.55
CA SER A 38 -4.89 0.71 -19.45
C SER A 38 -4.13 -0.59 -19.50
N GLY A 39 -4.53 -1.57 -18.70
CA GLY A 39 -3.69 -2.74 -18.57
C GLY A 39 -3.45 -3.52 -19.84
N SER A 40 -2.17 -3.63 -20.22
CA SER A 40 -1.79 -4.52 -21.30
C SER A 40 -2.08 -6.00 -21.02
N GLY A 41 -2.50 -6.37 -19.81
CA GLY A 41 -3.04 -7.68 -19.58
C GLY A 41 -4.55 -7.64 -19.44
N PHE A 42 -5.04 -6.45 -19.08
CA PHE A 42 -6.46 -6.20 -18.98
C PHE A 42 -7.07 -6.18 -20.35
N ILE A 43 -6.40 -5.45 -21.23
CA ILE A 43 -6.90 -5.23 -22.58
C ILE A 43 -6.98 -6.55 -23.31
N ASP A 44 -5.95 -7.37 -23.19
CA ASP A 44 -5.98 -8.66 -23.84
C ASP A 44 -6.98 -9.58 -23.18
N MET A 45 -7.00 -9.61 -21.85
CA MET A 45 -8.08 -10.29 -21.15
C MET A 45 -9.44 -9.77 -21.64
N ILE A 46 -9.56 -8.47 -21.93
CA ILE A 46 -10.86 -7.94 -22.37
C ILE A 46 -11.22 -8.49 -23.74
N LYS A 47 -10.22 -8.64 -24.61
CA LYS A 47 -10.52 -9.12 -25.95
C LYS A 47 -11.09 -10.53 -25.88
N PHE A 48 -10.47 -11.39 -25.06
CA PHE A 48 -11.01 -12.73 -24.86
C PHE A 48 -12.46 -12.72 -24.34
N PHE A 49 -12.93 -11.63 -23.75
CA PHE A 49 -14.33 -11.59 -23.35
C PHE A 49 -15.22 -10.80 -24.29
N ILE A 50 -14.68 -10.16 -25.31
CA ILE A 50 -15.54 -9.80 -26.41
C ILE A 50 -15.74 -11.02 -27.30
N LYS A 51 -14.70 -11.84 -27.48
CA LYS A 51 -14.78 -13.01 -28.37
C LYS A 51 -15.73 -14.06 -27.83
N VAL A 52 -15.72 -14.28 -26.51
CA VAL A 52 -16.71 -15.19 -25.92
C VAL A 52 -18.12 -14.61 -25.97
N GLY A 53 -18.27 -13.32 -26.30
CA GLY A 53 -19.56 -12.76 -26.66
C GLY A 53 -20.03 -13.02 -28.08
N ALA A 54 -19.09 -12.88 -29.03
CA ALA A 54 -19.38 -13.23 -30.42
C ALA A 54 -19.98 -14.63 -30.48
N GLU A 55 -19.25 -15.61 -29.97
CA GLU A 55 -19.62 -16.97 -30.26
C GLU A 55 -20.48 -17.68 -29.21
N TYR A 56 -20.68 -17.14 -28.00
CA TYR A 56 -21.83 -17.60 -27.23
C TYR A 56 -22.94 -16.57 -27.03
N GLY A 57 -22.78 -15.33 -27.49
CA GLY A 57 -23.90 -14.41 -27.46
C GLY A 57 -24.34 -14.01 -26.05
N GLU A 58 -25.32 -13.11 -26.01
CA GLU A 58 -25.59 -12.26 -24.84
C GLU A 58 -26.02 -13.03 -23.59
N HIS A 59 -26.34 -14.32 -23.66
CA HIS A 59 -26.73 -15.02 -22.43
C HIS A 59 -25.70 -16.08 -22.08
N VAL A 60 -24.82 -15.75 -21.14
CA VAL A 60 -23.79 -16.65 -20.61
C VAL A 60 -23.68 -16.42 -19.11
N ASN A 61 -23.53 -17.53 -18.39
CA ASN A 61 -23.34 -17.52 -16.94
C ASN A 61 -21.84 -17.44 -16.72
N VAL A 62 -21.37 -16.30 -16.27
CA VAL A 62 -19.94 -16.16 -16.24
C VAL A 62 -19.41 -16.48 -14.84
N GLU A 63 -20.30 -16.70 -13.87
CA GLU A 63 -19.98 -17.23 -12.54
C GLU A 63 -19.03 -18.41 -12.61
N GLU A 64 -19.45 -19.47 -13.28
CA GLU A 64 -18.64 -20.68 -13.36
C GLU A 64 -17.55 -20.57 -14.41
N LEU A 65 -17.78 -19.73 -15.44
CA LEU A 65 -16.72 -19.42 -16.40
C LEU A 65 -15.53 -18.79 -15.69
N LEU A 66 -15.80 -17.74 -14.95
CA LEU A 66 -14.77 -17.06 -14.19
C LEU A 66 -14.16 -17.99 -13.15
N PRO A 67 -12.84 -17.95 -12.99
CA PRO A 67 -12.22 -18.68 -11.90
C PRO A 67 -12.31 -17.96 -10.56
N SER A 68 -12.32 -18.80 -9.53
CA SER A 68 -11.85 -18.44 -8.22
C SER A 68 -10.43 -17.91 -8.37
N PRO A 69 -10.01 -17.02 -7.46
CA PRO A 69 -8.60 -16.62 -7.45
C PRO A 69 -7.66 -17.70 -6.94
N ILE A 70 -8.15 -18.72 -6.24
CA ILE A 70 -7.15 -19.72 -5.88
C ILE A 70 -6.80 -20.55 -7.08
N THR A 71 -7.67 -20.61 -8.09
CA THR A 71 -7.24 -21.26 -9.33
C THR A 71 -6.27 -20.38 -10.09
N LEU A 72 -6.50 -19.06 -10.12
CA LEU A 72 -5.51 -18.14 -10.68
C LEU A 72 -4.19 -18.20 -9.94
N SER A 73 -4.24 -18.29 -8.60
CA SER A 73 -2.99 -18.44 -7.86
C SER A 73 -2.23 -19.63 -8.40
N ARG A 74 -2.94 -20.75 -8.56
CA ARG A 74 -2.35 -22.04 -8.88
C ARG A 74 -1.95 -22.09 -10.34
N LYS A 75 -2.83 -21.66 -11.24
CA LYS A 75 -2.46 -21.52 -12.64
C LYS A 75 -1.15 -20.75 -12.74
N VAL A 76 -1.04 -19.69 -11.95
CA VAL A 76 0.13 -18.82 -11.96
C VAL A 76 1.39 -19.55 -11.52
N THR A 77 1.27 -20.54 -10.63
CA THR A 77 2.44 -21.33 -10.24
C THR A 77 2.79 -22.39 -11.27
N SER A 78 1.78 -22.84 -12.05
CA SER A 78 1.91 -23.87 -13.09
C SER A 78 2.58 -23.34 -14.34
N ASP A 79 1.94 -22.34 -14.98
CA ASP A 79 2.47 -21.54 -16.07
C ASP A 79 3.91 -21.14 -15.72
N ALA A 80 4.17 -20.87 -14.43
CA ALA A 80 5.52 -20.52 -13.99
C ALA A 80 6.48 -21.69 -14.08
N LYS A 81 6.10 -22.85 -13.53
CA LYS A 81 6.91 -24.05 -13.68
C LYS A 81 7.05 -24.42 -15.15
N GLU A 82 5.97 -24.20 -15.92
CA GLU A 82 5.90 -24.45 -17.35
C GLU A 82 7.06 -23.75 -18.02
N LYS A 83 6.96 -22.42 -18.12
CA LYS A 83 7.90 -21.67 -18.93
C LYS A 83 9.33 -21.73 -18.40
N LYS A 84 9.53 -22.23 -17.18
CA LYS A 84 10.84 -22.33 -16.59
C LYS A 84 11.61 -23.49 -17.15
N ALA A 85 10.95 -24.64 -17.29
CA ALA A 85 11.56 -25.78 -17.95
C ALA A 85 11.50 -25.64 -19.47
N LEU A 86 10.44 -25.02 -20.00
CA LEU A 86 10.38 -24.74 -21.42
C LEU A 86 11.71 -24.13 -21.85
N ILE A 87 11.96 -22.89 -21.46
CA ILE A 87 13.11 -22.23 -22.06
C ILE A 87 14.33 -22.50 -21.20
N SER A 88 14.17 -23.40 -20.21
CA SER A 88 15.32 -23.94 -19.48
C SER A 88 16.39 -24.52 -20.39
N ARG A 89 16.01 -24.89 -21.61
CA ARG A 89 16.96 -25.36 -22.61
C ARG A 89 17.78 -24.21 -23.16
N GLU A 90 17.10 -23.23 -23.75
CA GLU A 90 17.79 -22.06 -24.24
C GLU A 90 18.73 -21.47 -23.19
N ILE A 91 18.33 -21.54 -21.93
CA ILE A 91 19.19 -21.14 -20.83
C ILE A 91 20.49 -21.95 -20.89
N LYS A 92 20.39 -23.26 -20.63
CA LYS A 92 21.58 -24.10 -20.50
C LYS A 92 22.53 -23.90 -21.67
N SER A 93 21.99 -23.56 -22.84
CA SER A 93 22.80 -23.19 -24.00
C SER A 93 23.73 -22.06 -23.64
N ALA A 94 23.16 -20.86 -23.48
CA ALA A 94 23.96 -19.64 -23.39
C ALA A 94 24.99 -19.74 -22.28
N VAL A 95 24.71 -20.51 -21.23
CA VAL A 95 25.62 -20.56 -20.07
C VAL A 95 26.86 -21.35 -20.43
N GLU A 96 26.72 -22.32 -21.33
CA GLU A 96 27.85 -23.05 -21.86
C GLU A 96 28.44 -22.41 -23.12
N LYS A 97 27.72 -21.48 -23.79
CA LYS A 97 28.36 -20.61 -24.79
C LYS A 97 29.24 -19.53 -24.14
N ASP A 98 29.33 -19.48 -22.80
CA ASP A 98 30.11 -18.56 -22.00
C ASP A 98 29.54 -17.16 -22.01
N GLY A 99 28.46 -16.91 -22.73
CA GLY A 99 27.88 -15.60 -22.85
C GLY A 99 26.94 -15.35 -21.68
N ALA A 100 27.21 -16.06 -20.59
CA ALA A 100 26.36 -16.05 -19.40
C ALA A 100 26.98 -15.21 -18.29
N SER A 101 26.29 -14.14 -17.93
CA SER A 101 26.57 -13.40 -16.71
C SER A 101 25.26 -13.17 -15.96
N ALA A 102 25.36 -13.10 -14.63
CA ALA A 102 24.21 -12.95 -13.74
C ALA A 102 24.45 -11.81 -12.76
N THR A 103 23.36 -11.26 -12.21
CA THR A 103 23.43 -10.31 -11.11
C THR A 103 22.70 -10.88 -9.91
N ILE A 104 23.23 -10.63 -8.70
CA ILE A 104 22.59 -11.10 -7.49
C ILE A 104 22.75 -10.08 -6.35
N ASP A 105 21.70 -9.97 -5.51
CA ASP A 105 21.61 -9.13 -4.31
C ASP A 105 20.55 -9.70 -3.37
N LEU A 106 20.52 -9.18 -2.14
CA LEU A 106 19.57 -9.65 -1.12
C LEU A 106 18.61 -8.57 -0.64
N TRP A 107 17.52 -9.03 -0.07
CA TRP A 107 16.40 -8.15 0.17
C TRP A 107 15.52 -8.77 1.24
N THR A 108 14.66 -7.94 1.84
CA THR A 108 13.78 -8.39 2.89
C THR A 108 12.41 -7.74 2.74
N ASP A 109 11.34 -8.53 2.66
CA ASP A 109 10.04 -7.87 2.56
C ASP A 109 9.77 -7.07 3.82
N ASN A 110 8.90 -6.08 3.71
CA ASN A 110 8.79 -5.20 4.86
C ASN A 110 7.56 -5.45 5.71
N TYR A 111 6.87 -6.56 5.50
CA TYR A 111 5.80 -6.95 6.42
C TYR A 111 6.14 -8.25 7.14
N ILE A 112 6.39 -9.35 6.43
CA ILE A 112 6.76 -10.61 7.08
C ILE A 112 8.21 -10.62 7.53
N LYS A 113 9.02 -9.78 6.90
CA LYS A 113 10.46 -9.75 7.07
C LYS A 113 11.11 -11.11 6.81
N ARG A 114 10.83 -11.66 5.62
CA ARG A 114 11.62 -12.75 5.06
C ARG A 114 12.84 -12.21 4.36
N ASN A 115 13.94 -12.97 4.41
CA ASN A 115 15.17 -12.65 3.69
C ASN A 115 15.18 -13.41 2.37
N PHE A 116 15.69 -12.77 1.35
CA PHE A 116 15.47 -13.17 -0.03
C PHE A 116 16.73 -12.99 -0.87
N LEU A 117 16.86 -13.83 -1.89
CA LEU A 117 17.96 -13.70 -2.84
C LEU A 117 17.41 -13.52 -4.24
N GLY A 118 17.87 -12.46 -4.90
CA GLY A 118 17.52 -12.22 -6.28
C GLY A 118 18.57 -12.71 -7.25
N VAL A 119 18.12 -13.15 -8.42
CA VAL A 119 19.02 -13.54 -9.50
C VAL A 119 18.36 -13.14 -10.81
N THR A 120 19.11 -12.44 -11.66
CA THR A 120 18.75 -12.23 -13.05
C THR A 120 19.87 -12.70 -13.94
N LEU A 121 19.53 -13.09 -15.17
CA LEU A 121 20.50 -13.58 -16.14
C LEU A 121 20.59 -12.64 -17.33
N HIS A 122 21.78 -12.61 -17.94
CA HIS A 122 22.06 -11.68 -19.04
C HIS A 122 22.86 -12.34 -20.14
N TYR A 123 22.23 -12.46 -21.33
CA TYR A 123 22.81 -13.02 -22.56
C TYR A 123 22.01 -12.51 -23.76
N HIS A 124 22.66 -12.54 -24.96
CA HIS A 124 22.36 -11.62 -26.07
C HIS A 124 21.21 -12.05 -26.99
N GLU A 125 21.25 -13.28 -27.51
CA GLU A 125 20.22 -13.81 -28.42
C GLU A 125 19.94 -12.98 -29.68
N ASN A 126 20.68 -13.25 -30.76
CA ASN A 126 20.59 -12.52 -32.02
C ASN A 126 21.06 -11.11 -31.75
N ASN A 127 20.27 -10.11 -32.09
CA ASN A 127 20.48 -8.80 -31.51
C ASN A 127 19.24 -8.54 -30.68
N GLU A 128 19.34 -8.83 -29.38
CA GLU A 128 18.23 -8.58 -28.46
C GLU A 128 18.70 -8.10 -27.09
N LEU A 129 19.50 -8.96 -26.41
CA LEU A 129 19.90 -8.83 -25.00
C LEU A 129 18.82 -9.15 -23.94
N ARG A 130 18.68 -10.45 -23.64
CA ARG A 130 17.86 -10.94 -22.53
C ARG A 130 18.34 -10.43 -21.16
N ASP A 131 17.44 -9.78 -20.41
CA ASP A 131 17.61 -9.47 -18.99
C ASP A 131 16.36 -10.00 -18.29
N LEU A 132 16.52 -11.04 -17.47
CA LEU A 132 15.35 -11.77 -16.99
C LEU A 132 15.62 -12.34 -15.62
N ILE A 133 14.54 -12.63 -14.89
CA ILE A 133 14.65 -13.07 -13.51
C ILE A 133 14.71 -14.58 -13.50
N LEU A 134 15.87 -15.12 -13.12
CA LEU A 134 15.95 -16.52 -12.70
C LEU A 134 14.98 -16.76 -11.55
N GLY A 135 15.26 -16.17 -10.41
CA GLY A 135 14.38 -16.37 -9.30
C GLY A 135 14.63 -15.37 -8.20
N LEU A 136 13.61 -15.21 -7.38
CA LEU A 136 13.70 -14.61 -6.06
C LEU A 136 13.24 -15.66 -5.07
N LYS A 137 14.16 -16.21 -4.27
CA LYS A 137 13.74 -17.29 -3.39
C LYS A 137 14.16 -17.06 -1.94
N SER A 138 13.31 -17.54 -1.06
CA SER A 138 13.46 -17.31 0.36
C SER A 138 14.64 -18.08 0.90
N LEU A 139 15.54 -17.35 1.54
CA LEU A 139 16.35 -17.97 2.56
C LEU A 139 15.48 -18.51 3.66
N ASP A 140 14.18 -18.33 3.56
CA ASP A 140 13.28 -18.69 4.62
C ASP A 140 13.80 -17.85 5.78
N PHE A 141 13.94 -18.41 6.96
CA PHE A 141 14.52 -17.63 8.04
C PHE A 141 15.93 -18.01 8.35
N GLU A 142 16.52 -18.85 7.51
CA GLU A 142 17.93 -19.16 7.63
C GLU A 142 18.78 -17.92 7.54
N ARG A 143 20.02 -18.11 7.94
CA ARG A 143 20.81 -17.13 8.63
C ARG A 143 21.55 -16.17 7.73
N SER A 144 21.33 -16.17 6.43
CA SER A 144 21.86 -15.10 5.57
C SER A 144 23.39 -15.08 5.51
N THR A 145 24.01 -16.25 5.65
CA THR A 145 25.44 -16.43 5.45
C THR A 145 25.76 -16.84 4.02
N ALA A 146 27.06 -17.00 3.78
CA ALA A 146 27.54 -17.22 2.42
C ALA A 146 26.90 -18.47 1.81
N GLU A 147 26.86 -19.58 2.56
CA GLU A 147 26.45 -20.82 1.94
C GLU A 147 24.95 -20.86 1.71
N ASN A 148 24.17 -20.40 2.67
CA ASN A 148 22.74 -20.34 2.45
C ASN A 148 22.46 -19.57 1.17
N ILE A 149 23.26 -18.54 0.91
CA ILE A 149 23.14 -17.84 -0.37
C ILE A 149 23.44 -18.80 -1.51
N TYR A 150 24.66 -19.37 -1.51
CA TYR A 150 25.05 -20.31 -2.56
C TYR A 150 24.11 -21.50 -2.62
N LYS A 151 23.64 -21.96 -1.47
CA LYS A 151 22.63 -23.00 -1.40
C LYS A 151 21.47 -22.62 -2.28
N LYS A 152 20.73 -21.58 -1.88
CA LYS A 152 19.59 -21.18 -2.68
C LYS A 152 20.03 -20.80 -4.07
N LEU A 153 21.25 -20.29 -4.21
CA LEU A 153 21.78 -19.89 -5.51
C LEU A 153 21.77 -21.05 -6.47
N LYS A 154 22.61 -22.04 -6.19
CA LYS A 154 22.61 -23.26 -6.97
C LYS A 154 21.17 -23.76 -7.15
N ALA A 155 20.42 -23.79 -6.05
CA ALA A 155 19.01 -24.16 -6.11
C ALA A 155 18.31 -23.46 -7.26
N ILE A 156 18.64 -22.19 -7.50
CA ILE A 156 17.91 -21.46 -8.53
C ILE A 156 18.30 -21.99 -9.88
N PHE A 157 19.58 -22.29 -10.06
CA PHE A 157 20.00 -22.68 -11.39
C PHE A 157 19.57 -24.10 -11.71
N SER A 158 19.49 -24.96 -10.70
CA SER A 158 19.12 -26.36 -10.89
C SER A 158 17.66 -26.56 -11.24
N GLN A 159 16.86 -25.49 -11.26
CA GLN A 159 15.55 -25.57 -11.88
C GLN A 159 15.64 -25.46 -13.38
N PHE A 160 16.72 -24.91 -13.87
CA PHE A 160 17.06 -24.86 -15.27
C PHE A 160 18.07 -25.93 -15.63
N ASN A 161 18.37 -26.82 -14.68
CA ASN A 161 19.29 -27.93 -14.81
C ASN A 161 20.71 -27.45 -14.95
N VAL A 162 20.95 -26.14 -14.91
CA VAL A 162 22.33 -25.68 -14.87
C VAL A 162 22.95 -26.10 -13.55
N GLU A 163 23.92 -26.98 -13.63
CA GLU A 163 24.63 -27.36 -12.45
C GLU A 163 26.01 -26.75 -12.37
N ASP A 164 26.47 -26.05 -13.41
CA ASP A 164 27.81 -25.45 -13.39
C ASP A 164 27.72 -23.93 -13.48
N LEU A 165 28.31 -23.26 -12.50
CA LEU A 165 28.38 -21.82 -12.40
C LEU A 165 29.74 -21.26 -12.82
N SER A 166 30.68 -22.14 -13.19
CA SER A 166 32.06 -21.78 -13.47
C SER A 166 32.10 -20.63 -14.45
N SER A 167 31.64 -20.90 -15.68
CA SER A 167 31.69 -19.98 -16.80
C SER A 167 30.88 -18.72 -16.57
N ILE A 168 30.13 -18.67 -15.47
CA ILE A 168 29.23 -17.56 -15.23
C ILE A 168 30.02 -16.43 -14.58
N LYS A 169 30.10 -15.30 -15.29
CA LYS A 169 30.62 -14.08 -14.73
C LYS A 169 29.50 -13.42 -13.95
N PHE A 170 29.68 -13.27 -12.65
CA PHE A 170 28.69 -12.62 -11.81
C PHE A 170 29.07 -11.17 -11.60
N VAL A 171 28.07 -10.28 -11.59
CA VAL A 171 28.27 -8.89 -11.15
C VAL A 171 27.30 -8.58 -10.02
N THR A 172 27.83 -7.98 -8.94
CA THR A 172 27.30 -8.00 -7.59
C THR A 172 27.81 -6.78 -6.83
N ASP A 173 27.15 -6.44 -5.72
CA ASP A 173 27.72 -5.40 -4.85
C ASP A 173 28.82 -6.03 -4.00
N ARG A 174 29.39 -5.25 -3.08
CA ARG A 174 30.32 -5.88 -2.15
C ARG A 174 29.73 -5.93 -0.74
N GLY A 175 28.83 -6.88 -0.55
CA GLY A 175 28.48 -7.33 0.76
C GLY A 175 29.43 -8.46 1.05
N ALA A 176 29.88 -8.51 2.31
CA ALA A 176 30.76 -9.58 2.73
C ALA A 176 30.15 -10.93 2.37
N ASN A 177 28.83 -11.09 2.60
CA ASN A 177 28.04 -12.26 2.22
C ASN A 177 28.32 -12.70 0.81
N VAL A 178 27.66 -11.97 -0.10
CA VAL A 178 27.69 -12.35 -1.50
C VAL A 178 29.11 -12.39 -2.00
N VAL A 179 29.95 -11.46 -1.51
CA VAL A 179 31.30 -11.39 -2.05
C VAL A 179 31.96 -12.74 -1.95
N LYS A 180 31.84 -13.39 -0.81
CA LYS A 180 32.44 -14.69 -0.66
C LYS A 180 31.47 -15.83 -0.92
N SER A 181 30.17 -15.55 -0.99
CA SER A 181 29.26 -16.51 -1.58
C SER A 181 29.69 -16.90 -2.99
N LEU A 182 30.24 -15.93 -3.72
CA LEU A 182 30.76 -16.15 -5.05
C LEU A 182 32.25 -16.28 -5.07
N ALA A 183 32.87 -16.40 -3.89
CA ALA A 183 34.33 -16.35 -3.76
C ALA A 183 35.03 -17.30 -4.72
N ASN A 184 34.37 -18.39 -5.07
CA ASN A 184 34.92 -19.39 -5.97
C ASN A 184 34.45 -19.23 -7.42
N ASN A 185 33.79 -18.11 -7.78
CA ASN A 185 33.46 -17.85 -9.19
C ASN A 185 34.07 -16.55 -9.71
N ILE A 186 33.83 -16.37 -11.02
CA ILE A 186 34.08 -15.10 -11.70
C ILE A 186 33.22 -14.04 -11.07
N ARG A 187 33.85 -12.96 -10.62
CA ARG A 187 33.13 -11.96 -9.81
C ARG A 187 33.53 -10.56 -10.26
N ILE A 188 32.54 -9.76 -10.64
CA ILE A 188 32.77 -8.43 -11.18
C ILE A 188 32.07 -7.42 -10.26
N ASN A 189 32.74 -6.33 -9.91
CA ASN A 189 32.14 -5.40 -8.95
C ASN A 189 31.10 -4.50 -9.61
N CYS A 190 29.93 -4.40 -9.00
CA CYS A 190 28.90 -3.50 -9.50
C CYS A 190 29.45 -2.07 -9.53
N SER A 191 29.35 -1.43 -10.69
CA SER A 191 29.97 -0.12 -10.81
C SER A 191 29.09 1.01 -10.29
N SER A 192 27.77 0.80 -10.20
CA SER A 192 26.95 1.87 -9.64
C SER A 192 27.22 2.02 -8.16
N HIS A 193 27.39 0.90 -7.44
CA HIS A 193 27.75 1.01 -6.04
C HIS A 193 29.11 1.72 -5.87
N LEU A 194 30.16 1.20 -6.52
CA LEU A 194 31.49 1.78 -6.29
C LEU A 194 31.42 3.28 -6.38
N LEU A 195 30.67 3.78 -7.37
CA LEU A 195 30.54 5.21 -7.52
C LEU A 195 29.94 5.82 -6.27
N SER A 196 28.90 5.19 -5.74
CA SER A 196 28.22 5.73 -4.57
C SER A 196 29.21 5.81 -3.42
N ASN A 197 29.95 4.71 -3.24
CA ASN A 197 31.02 4.64 -2.26
C ASN A 197 31.93 5.84 -2.42
N VAL A 198 32.48 5.99 -3.60
CA VAL A 198 33.23 7.18 -3.95
C VAL A 198 32.54 8.45 -3.50
N LEU A 199 31.28 8.57 -3.81
CA LEU A 199 30.71 9.88 -3.57
C LEU A 199 30.45 10.09 -2.08
N GLU A 200 30.01 9.05 -1.39
CA GLU A 200 29.61 9.33 -0.02
C GLU A 200 30.81 9.38 0.91
N ASN A 201 31.92 8.79 0.52
CA ASN A 201 33.14 9.01 1.28
C ASN A 201 33.68 10.38 1.02
N SER A 202 33.76 10.78 -0.24
CA SER A 202 34.16 12.15 -0.55
C SER A 202 33.27 13.18 0.13
N PHE A 203 32.08 12.82 0.57
CA PHE A 203 31.40 13.82 1.36
C PHE A 203 31.68 13.69 2.86
N GLU A 204 31.85 12.45 3.37
CA GLU A 204 32.29 12.26 4.75
C GLU A 204 33.45 13.18 5.02
N GLU A 205 34.37 13.22 4.07
CA GLU A 205 35.68 13.81 4.19
C GLU A 205 35.72 15.30 3.83
N THR A 206 34.60 15.92 3.45
CA THR A 206 34.55 17.35 3.17
C THR A 206 33.46 17.98 4.03
N PRO A 207 33.57 17.85 5.35
CA PRO A 207 32.46 18.31 6.19
C PRO A 207 32.24 19.80 6.10
N GLU A 208 33.20 20.55 5.58
CA GLU A 208 32.94 21.96 5.30
C GLU A 208 31.64 22.12 4.53
N LEU A 209 31.48 21.34 3.45
CA LEU A 209 30.19 21.17 2.80
C LEU A 209 29.25 20.31 3.62
N ASN A 210 29.67 19.08 3.93
CA ASN A 210 28.75 18.06 4.42
C ASN A 210 27.99 18.47 5.68
N MET A 211 28.41 19.56 6.35
CA MET A 211 27.64 20.04 7.49
C MET A 211 26.33 20.65 7.02
N PRO A 212 26.30 21.59 6.09
CA PRO A 212 25.02 21.98 5.49
C PRO A 212 24.16 20.86 4.87
N ILE A 213 24.71 20.01 4.02
CA ILE A 213 24.01 18.84 3.48
C ILE A 213 23.23 18.10 4.55
N LEU A 214 23.94 17.62 5.57
CA LEU A 214 23.29 17.12 6.76
C LEU A 214 22.25 18.12 7.28
N ALA A 215 22.56 19.41 7.25
CA ALA A 215 21.64 20.34 7.88
C ALA A 215 20.36 20.45 7.09
N CYS A 216 20.50 20.46 5.76
CA CYS A 216 19.39 20.32 4.84
C CYS A 216 18.56 19.11 5.19
N LYS A 217 19.22 17.94 5.30
CA LYS A 217 18.53 16.67 5.42
C LYS A 217 17.45 16.75 6.48
N ASN A 218 17.66 17.57 7.50
CA ASN A 218 16.75 17.72 8.63
C ASN A 218 15.64 18.74 8.41
N ILE A 219 15.87 19.76 7.59
CA ILE A 219 14.81 20.69 7.23
C ILE A 219 13.67 19.93 6.57
N VAL A 220 14.04 19.05 5.64
CA VAL A 220 13.10 18.06 5.11
C VAL A 220 12.46 17.33 6.27
N LYS A 221 13.27 16.61 7.06
CA LYS A 221 12.74 15.83 8.18
C LYS A 221 11.82 16.65 9.08
N TYR A 222 12.10 17.94 9.26
CA TYR A 222 11.24 18.78 10.08
C TYR A 222 9.96 19.15 9.36
N PHE A 223 10.08 19.84 8.21
CA PHE A 223 8.91 20.24 7.40
C PHE A 223 7.90 19.11 7.34
N LYS A 224 8.44 17.91 7.04
CA LYS A 224 7.67 16.68 6.94
C LYS A 224 6.96 16.35 8.25
N LYS A 225 7.66 16.43 9.38
CA LYS A 225 7.01 16.17 10.67
C LYS A 225 6.18 17.37 11.13
N ALA A 226 6.61 18.60 10.83
CA ALA A 226 5.79 19.78 11.13
C ALA A 226 4.55 19.85 10.28
N ASN A 227 4.52 19.07 9.21
CA ASN A 227 3.41 18.98 8.31
C ASN A 227 3.23 20.30 7.56
N LEU A 228 4.34 20.83 7.07
CA LEU A 228 4.39 22.03 6.23
C LEU A 228 4.33 21.59 4.78
N GLN A 229 4.81 22.40 3.85
CA GLN A 229 4.96 21.99 2.45
C GLN A 229 3.66 22.11 1.71
N HIS A 230 2.55 22.13 2.46
CA HIS A 230 1.30 22.46 1.82
C HIS A 230 1.34 23.90 1.36
N ARG A 231 2.34 24.66 1.81
CA ARG A 231 2.66 25.90 1.16
C ARG A 231 4.05 25.70 0.60
N LEU A 232 4.18 25.30 -0.65
CA LEU A 232 5.52 25.28 -1.18
C LEU A 232 5.60 25.52 -2.68
N ARG A 233 4.90 24.71 -3.45
CA ARG A 233 4.88 24.59 -4.91
C ARG A 233 5.92 23.59 -5.37
N SER A 234 6.84 23.20 -4.52
CA SER A 234 7.52 21.92 -4.66
C SER A 234 7.50 21.31 -3.28
N SER A 235 7.41 19.99 -3.19
CA SER A 235 7.56 19.36 -1.89
C SER A 235 9.04 19.10 -1.65
N LEU A 236 9.50 19.34 -0.41
CA LEU A 236 10.90 19.01 -0.13
C LEU A 236 11.13 17.51 -0.22
N LYS A 237 12.12 17.12 -0.99
CA LYS A 237 12.47 15.71 -1.15
C LYS A 237 13.55 15.29 -0.16
N SER A 238 13.20 14.35 0.73
CA SER A 238 14.13 13.65 1.60
C SER A 238 15.21 12.90 0.84
N GLU A 239 16.42 12.97 1.41
CA GLU A 239 17.52 12.15 0.98
C GLU A 239 17.24 10.76 1.54
N CYS A 240 17.33 9.79 0.73
CA CYS A 240 17.15 8.49 1.30
C CYS A 240 18.53 7.92 1.49
N PRO A 241 18.83 7.27 2.62
CA PRO A 241 20.24 6.87 2.86
C PRO A 241 20.80 5.95 1.81
N THR A 242 20.12 4.87 1.45
CA THR A 242 20.60 4.00 0.37
C THR A 242 19.79 4.33 -0.86
N ARG A 243 20.33 5.23 -1.66
CA ARG A 243 19.98 5.43 -3.06
C ARG A 243 20.81 6.65 -3.47
N TRP A 244 21.07 6.79 -4.76
CA TRP A 244 22.33 7.40 -5.18
C TRP A 244 22.23 8.88 -4.94
N ASN A 245 22.92 9.29 -3.87
CA ASN A 245 22.95 10.66 -3.38
C ASN A 245 21.66 11.31 -3.90
N SER A 246 20.52 10.71 -3.53
CA SER A 246 19.24 11.39 -3.54
C SER A 246 19.37 12.69 -2.77
N THR A 247 20.54 12.85 -2.15
CA THR A 247 21.17 14.10 -1.84
C THR A 247 21.05 15.11 -2.96
N TYR A 248 21.40 14.69 -4.18
CA TYR A 248 21.19 15.56 -5.34
C TYR A 248 19.72 15.92 -5.44
N THR A 249 18.84 14.92 -5.40
CA THR A 249 17.41 15.21 -5.37
C THR A 249 17.07 16.18 -4.27
N MET A 250 17.51 15.89 -3.04
CA MET A 250 17.15 16.76 -1.94
C MET A 250 17.65 18.18 -2.17
N LEU A 251 18.95 18.33 -2.44
CA LEU A 251 19.49 19.66 -2.63
C LEU A 251 18.64 20.41 -3.61
N ARG A 252 18.44 19.84 -4.80
CA ARG A 252 17.58 20.49 -5.80
C ARG A 252 16.24 20.88 -5.24
N SER A 253 15.69 20.11 -4.31
CA SER A 253 14.33 20.34 -3.83
C SER A 253 14.29 21.46 -2.80
N ILE A 254 15.20 21.39 -1.83
CA ILE A 254 15.50 22.56 -1.02
C ILE A 254 15.88 23.76 -1.90
N LEU A 255 16.54 23.49 -3.03
CA LEU A 255 17.08 24.58 -3.79
C LEU A 255 15.97 25.40 -4.41
N ASP A 256 14.83 24.78 -4.68
CA ASP A 256 13.78 25.48 -5.41
C ASP A 256 12.87 26.30 -4.52
N ASN A 257 12.62 25.89 -3.28
CA ASN A 257 11.73 26.58 -2.34
C ASN A 257 12.48 27.53 -1.40
N TRP A 258 13.74 27.85 -1.72
CA TRP A 258 14.72 28.44 -0.80
C TRP A 258 14.19 29.66 -0.07
N GLU A 259 13.65 30.62 -0.80
CA GLU A 259 13.11 31.79 -0.13
C GLU A 259 11.91 31.40 0.72
N SER A 260 11.00 30.62 0.16
CA SER A 260 9.84 30.17 0.92
C SER A 260 10.26 29.45 2.21
N VAL A 261 11.30 28.61 2.15
CA VAL A 261 11.75 27.89 3.34
C VAL A 261 12.22 28.89 4.38
N ILE A 262 13.25 29.67 4.03
CA ILE A 262 13.92 30.53 5.00
C ILE A 262 12.91 31.38 5.74
N GLN A 263 12.03 32.01 4.98
CA GLN A 263 10.86 32.68 5.52
C GLN A 263 10.11 31.77 6.48
N ILE A 264 9.53 30.66 5.99
CA ILE A 264 8.65 29.84 6.83
C ILE A 264 9.40 29.35 8.06
N LEU A 265 10.68 29.00 7.88
CA LEU A 265 11.51 28.59 9.01
C LEU A 265 11.71 29.72 10.00
N SER A 266 12.10 30.90 9.51
CA SER A 266 12.27 32.04 10.39
C SER A 266 10.94 32.47 10.97
N GLU A 267 9.90 32.56 10.13
CA GLU A 267 8.60 33.06 10.59
C GLU A 267 7.92 32.13 11.60
N ALA A 268 8.32 30.86 11.66
CA ALA A 268 7.93 29.99 12.76
C ALA A 268 8.96 30.02 13.87
N GLY A 269 9.94 30.92 13.78
CA GLY A 269 10.91 31.12 14.83
C GLY A 269 11.93 30.03 14.92
N GLU A 270 11.76 28.99 14.15
CA GLU A 270 12.68 27.89 14.27
C GLU A 270 13.96 28.19 13.54
N THR A 271 14.15 29.45 13.13
CA THR A 271 15.24 29.89 12.26
C THR A 271 16.59 29.46 12.81
N GLN A 272 16.59 28.98 14.06
CA GLN A 272 17.74 28.26 14.59
C GLN A 272 18.12 27.03 13.77
N ARG A 273 17.27 26.62 12.82
CA ARG A 273 17.59 25.56 11.85
C ARG A 273 18.14 26.06 10.52
N ILE A 274 18.09 27.37 10.25
CA ILE A 274 18.39 27.97 8.95
C ILE A 274 19.90 28.17 8.89
N VAL A 275 20.60 27.49 9.79
CA VAL A 275 21.95 27.74 10.31
C VAL A 275 22.99 28.18 9.28
N HIS A 276 23.39 27.28 8.38
CA HIS A 276 24.33 27.62 7.33
C HIS A 276 23.57 28.27 6.16
N ILE A 277 23.92 29.52 5.87
CA ILE A 277 23.36 30.30 4.76
C ILE A 277 24.13 29.98 3.48
N ASN A 278 24.11 30.92 2.55
CA ASN A 278 24.82 30.83 1.28
C ASN A 278 24.26 29.73 0.40
N LYS A 279 23.11 30.02 -0.19
CA LYS A 279 22.55 29.14 -1.18
C LYS A 279 23.54 28.79 -2.28
N SER A 280 24.56 29.62 -2.50
CA SER A 280 25.34 29.50 -3.73
C SER A 280 26.27 28.28 -3.73
N ILE A 281 26.68 27.81 -2.55
CA ILE A 281 27.56 26.63 -2.52
C ILE A 281 26.74 25.37 -2.75
N ILE A 282 25.51 25.35 -2.25
CA ILE A 282 24.51 24.40 -2.73
C ILE A 282 24.48 24.34 -4.25
N GLN A 283 24.11 25.48 -4.88
CA GLN A 283 23.85 25.53 -6.30
C GLN A 283 24.98 24.94 -7.08
N THR A 284 26.20 25.10 -6.57
CA THR A 284 27.30 24.45 -7.25
C THR A 284 27.22 22.94 -7.10
N MET A 285 26.83 22.44 -5.94
CA MET A 285 26.84 20.99 -5.76
C MET A 285 25.76 20.32 -6.60
N VAL A 286 24.54 20.85 -6.57
CA VAL A 286 23.52 20.34 -7.49
C VAL A 286 24.01 20.42 -8.93
N ASN A 287 24.75 21.48 -9.27
CA ASN A 287 25.42 21.52 -10.57
C ASN A 287 26.42 20.39 -10.72
N ILE A 288 27.11 20.03 -9.64
CA ILE A 288 28.09 18.95 -9.70
C ILE A 288 27.37 17.63 -9.72
N LEU A 289 26.42 17.51 -8.82
CA LEU A 289 25.72 16.25 -8.68
C LEU A 289 24.89 15.96 -9.90
N ASP A 290 24.45 17.00 -10.62
CA ASP A 290 23.59 16.71 -11.75
C ASP A 290 24.30 15.87 -12.80
N GLY A 291 25.59 16.11 -12.99
CA GLY A 291 26.29 15.39 -14.03
C GLY A 291 26.55 13.93 -13.73
N PHE A 292 26.47 13.54 -12.46
CA PHE A 292 26.68 12.13 -12.12
C PHE A 292 25.41 11.35 -12.33
N GLU A 293 24.28 12.06 -12.23
CA GLU A 293 22.97 11.49 -12.50
C GLU A 293 22.99 10.74 -13.82
N ARG A 294 23.49 11.41 -14.87
CA ARG A 294 23.64 10.77 -16.17
C ARG A 294 24.50 9.52 -16.06
N ILE A 295 25.58 9.61 -15.30
CA ILE A 295 26.51 8.48 -15.24
C ILE A 295 25.84 7.28 -14.60
N PHE A 296 25.12 7.49 -13.50
CA PHE A 296 24.39 6.39 -12.89
C PHE A 296 23.41 5.80 -13.87
N LYS A 297 22.59 6.66 -14.50
CA LYS A 297 21.66 6.22 -15.53
C LYS A 297 22.37 5.40 -16.61
N GLU A 298 23.39 5.99 -17.23
CA GLU A 298 24.11 5.27 -18.27
C GLU A 298 24.73 3.98 -17.76
N LEU A 299 24.95 3.87 -16.44
CA LEU A 299 25.65 2.73 -15.84
C LEU A 299 24.77 1.51 -15.51
N GLN A 300 23.52 1.73 -15.13
CA GLN A 300 22.63 0.64 -14.74
C GLN A 300 21.79 0.10 -15.90
N THR A 301 21.93 0.71 -17.09
CA THR A 301 21.14 0.37 -18.25
C THR A 301 21.18 -1.10 -18.54
N CYS A 302 20.01 -1.72 -18.63
CA CYS A 302 19.95 -3.11 -19.02
C CYS A 302 19.51 -3.32 -20.44
N SER A 303 19.08 -2.28 -21.12
CA SER A 303 18.53 -2.44 -22.45
C SER A 303 19.62 -2.56 -23.53
N SER A 304 20.80 -2.03 -23.29
CA SER A 304 21.90 -2.07 -24.24
C SER A 304 23.19 -2.24 -23.44
N PRO A 305 24.38 -2.36 -24.05
CA PRO A 305 25.56 -2.67 -23.23
C PRO A 305 25.87 -1.51 -22.30
N SER A 306 26.54 -1.85 -21.18
CA SER A 306 26.84 -0.98 -20.05
C SER A 306 28.30 -1.06 -19.70
N LEU A 307 28.77 -2.27 -19.46
CA LEU A 307 30.10 -2.51 -18.94
C LEU A 307 31.16 -1.67 -19.62
N CYS A 308 31.18 -1.71 -20.95
CA CYS A 308 32.25 -1.05 -21.70
C CYS A 308 32.30 0.45 -21.50
N PHE A 309 31.23 1.05 -20.97
CA PHE A 309 31.26 2.48 -20.68
C PHE A 309 31.65 2.80 -19.27
N VAL A 310 31.98 1.78 -18.48
CA VAL A 310 32.49 2.03 -17.14
C VAL A 310 33.71 2.94 -17.19
N VAL A 311 34.77 2.46 -17.82
CA VAL A 311 35.99 3.24 -17.94
C VAL A 311 35.76 4.68 -18.45
N PRO A 312 35.16 4.92 -19.64
CA PRO A 312 35.09 6.30 -20.11
C PRO A 312 34.36 7.19 -19.14
N SER A 313 33.43 6.58 -18.41
CA SER A 313 32.72 7.30 -17.36
C SER A 313 33.67 7.71 -16.25
N ILE A 314 34.57 6.79 -15.87
CA ILE A 314 35.50 7.10 -14.77
C ILE A 314 36.28 8.37 -15.08
N LEU A 315 36.96 8.39 -16.23
CA LEU A 315 37.62 9.64 -16.61
C LEU A 315 36.60 10.74 -16.84
N LYS A 316 35.36 10.39 -17.20
CA LYS A 316 34.34 11.41 -17.24
C LYS A 316 34.13 12.00 -15.87
N VAL A 317 34.22 11.17 -14.82
CA VAL A 317 34.15 11.71 -13.46
C VAL A 317 35.34 12.61 -13.20
N LYS A 318 36.56 12.12 -13.49
CA LYS A 318 37.74 12.95 -13.32
C LYS A 318 37.61 14.28 -14.05
N GLU A 319 36.83 14.32 -15.12
CA GLU A 319 36.68 15.55 -15.88
C GLU A 319 35.62 16.49 -15.40
N ILE A 320 34.58 15.99 -14.72
CA ILE A 320 33.71 16.86 -13.92
C ILE A 320 34.53 17.58 -12.86
N CYS A 321 35.42 16.82 -12.23
CA CYS A 321 36.20 17.18 -11.06
C CYS A 321 37.57 17.73 -11.41
N SER A 322 37.81 17.96 -12.70
CA SER A 322 39.01 18.64 -13.17
C SER A 322 39.22 19.90 -12.35
N PRO A 323 40.42 20.12 -11.78
CA PRO A 323 40.59 21.25 -10.84
C PRO A 323 40.24 22.55 -11.53
N ASP A 324 39.90 23.55 -10.73
CA ASP A 324 39.49 24.83 -11.29
C ASP A 324 39.95 25.91 -10.34
N VAL A 325 40.36 27.04 -10.93
CA VAL A 325 40.89 28.16 -10.19
C VAL A 325 39.76 28.93 -9.52
N GLY A 326 38.59 28.97 -10.17
CA GLY A 326 37.43 29.65 -9.61
C GLY A 326 36.84 28.97 -8.40
N ASP A 327 37.21 27.70 -8.17
CA ASP A 327 36.64 26.91 -7.09
C ASP A 327 36.80 27.64 -5.77
N VAL A 328 35.70 27.86 -5.07
CA VAL A 328 35.77 28.25 -3.68
C VAL A 328 36.47 27.11 -2.90
N ALA A 329 37.08 27.44 -1.77
CA ALA A 329 37.98 26.46 -1.17
C ALA A 329 37.26 25.21 -0.69
N ASP A 330 35.97 25.32 -0.36
CA ASP A 330 35.22 24.13 0.02
C ASP A 330 34.94 23.24 -1.19
N ILE A 331 34.67 23.85 -2.35
CA ILE A 331 34.48 23.06 -3.56
C ILE A 331 35.77 22.38 -3.97
N ALA A 332 36.82 23.18 -4.11
CA ALA A 332 38.08 22.67 -4.61
C ALA A 332 38.43 21.38 -3.92
N LYS A 333 38.15 21.32 -2.60
CA LYS A 333 38.52 20.13 -1.84
C LYS A 333 37.77 18.91 -2.32
N LEU A 334 36.45 19.04 -2.48
CA LEU A 334 35.66 17.91 -2.93
C LEU A 334 36.27 17.32 -4.20
N LYS A 335 36.51 18.17 -5.21
CA LYS A 335 37.02 17.70 -6.49
C LYS A 335 38.18 16.74 -6.29
N VAL A 336 39.06 17.05 -5.36
CA VAL A 336 40.20 16.17 -5.19
C VAL A 336 39.86 15.00 -4.32
N ASN A 337 38.99 15.23 -3.35
CA ASN A 337 38.53 14.12 -2.54
C ASN A 337 37.82 13.09 -3.39
N ILE A 338 37.16 13.56 -4.44
CA ILE A 338 36.55 12.65 -5.39
C ILE A 338 37.66 12.00 -6.18
N ILE A 339 38.39 12.79 -6.98
CA ILE A 339 39.31 12.16 -7.93
C ILE A 339 40.15 11.11 -7.22
N LYS A 340 40.70 11.47 -6.06
CA LYS A 340 41.48 10.51 -5.31
C LYS A 340 40.69 9.24 -5.11
N ASN A 341 39.45 9.41 -4.67
CA ASN A 341 38.60 8.28 -4.33
C ASN A 341 38.32 7.44 -5.57
N VAL A 342 38.00 8.10 -6.68
CA VAL A 342 37.87 7.45 -7.97
C VAL A 342 39.04 6.52 -8.22
N ARG A 343 40.24 7.00 -7.91
CA ARG A 343 41.43 6.17 -8.06
C ARG A 343 41.40 5.01 -7.10
N ILE A 344 41.27 5.29 -5.81
CA ILE A 344 41.58 4.26 -4.82
C ILE A 344 40.38 3.39 -4.48
N ILE A 345 39.15 3.79 -4.87
CA ILE A 345 37.95 3.00 -4.60
C ILE A 345 37.49 2.30 -5.84
N TRP A 346 37.19 3.08 -6.90
CA TRP A 346 36.61 2.56 -8.14
C TRP A 346 37.67 1.90 -9.01
N GLU A 347 38.57 2.71 -9.62
CA GLU A 347 39.55 2.16 -10.56
C GLU A 347 40.26 0.96 -9.99
N GLU A 348 40.43 0.91 -8.67
CA GLU A 348 41.18 -0.15 -8.00
C GLU A 348 40.31 -1.29 -7.49
N ASN A 349 39.00 -1.15 -7.48
CA ASN A 349 38.10 -2.29 -7.40
C ASN A 349 37.65 -2.79 -8.77
N LEU A 350 38.25 -2.27 -9.84
CA LEU A 350 38.00 -2.72 -11.20
C LEU A 350 38.64 -4.08 -11.46
N SER A 351 38.46 -4.57 -12.70
CA SER A 351 38.84 -5.92 -13.09
C SER A 351 39.37 -5.88 -14.52
N ILE A 352 39.80 -7.04 -15.03
CA ILE A 352 40.23 -7.10 -16.43
C ILE A 352 39.02 -7.05 -17.39
N TRP A 353 37.91 -7.73 -17.06
CA TRP A 353 36.76 -7.65 -17.94
C TRP A 353 36.40 -6.21 -18.24
N HIS A 354 36.79 -5.29 -17.37
CA HIS A 354 36.43 -3.89 -17.53
C HIS A 354 37.19 -3.26 -18.65
N TYR A 355 38.51 -3.48 -18.67
CA TYR A 355 39.40 -2.82 -19.61
C TYR A 355 39.38 -3.52 -20.93
N THR A 356 39.12 -4.84 -20.91
CA THR A 356 38.80 -5.54 -22.15
C THR A 356 37.51 -5.01 -22.74
N ALA A 357 36.51 -4.76 -21.89
CA ALA A 357 35.24 -4.33 -22.46
C ALA A 357 35.33 -2.93 -23.04
N PHE A 358 36.20 -2.05 -22.51
CA PHE A 358 36.35 -0.77 -23.17
C PHE A 358 37.23 -0.83 -24.39
N PHE A 359 38.11 -1.83 -24.47
CA PHE A 359 38.76 -2.14 -25.75
C PHE A 359 37.72 -2.26 -26.86
N PHE A 360 36.65 -3.02 -26.62
CA PHE A 360 35.75 -3.44 -27.68
C PHE A 360 34.78 -2.35 -28.08
N TYR A 361 34.94 -1.15 -27.56
CA TYR A 361 34.36 0.01 -28.21
C TYR A 361 35.33 0.39 -29.32
N PRO A 362 34.94 0.31 -30.57
CA PRO A 362 35.90 0.44 -31.65
C PRO A 362 36.59 1.79 -31.65
N PRO A 363 35.90 2.93 -31.31
CA PRO A 363 36.67 4.17 -31.15
C PRO A 363 37.43 4.23 -29.85
N ALA A 364 38.07 3.13 -29.47
CA ALA A 364 39.12 3.16 -28.45
C ALA A 364 40.41 3.07 -29.25
N LEU A 365 41.03 4.22 -29.37
CA LEU A 365 42.38 4.52 -29.82
C LEU A 365 43.34 4.45 -28.65
N HIS A 366 43.00 5.21 -27.61
CA HIS A 366 43.82 5.58 -26.47
C HIS A 366 43.95 4.54 -25.36
N MET A 367 43.00 3.60 -25.22
CA MET A 367 42.95 2.73 -24.04
C MET A 367 44.29 2.04 -23.83
N GLN A 368 45.18 2.25 -24.80
CA GLN A 368 46.44 1.56 -25.03
C GLN A 368 47.20 1.25 -23.76
N GLN A 369 47.73 2.28 -23.09
CA GLN A 369 48.50 2.13 -21.86
C GLN A 369 49.55 1.05 -21.99
N GLU A 370 49.73 0.27 -20.93
CA GLU A 370 50.15 -1.11 -21.07
C GLU A 370 48.98 -1.97 -21.51
N LYS A 371 47.75 -1.44 -21.33
CA LYS A 371 46.56 -2.25 -21.08
C LYS A 371 46.48 -3.45 -22.00
N VAL A 372 46.63 -3.20 -23.30
CA VAL A 372 46.43 -4.26 -24.29
C VAL A 372 47.40 -5.41 -24.08
N ALA A 373 48.52 -5.16 -23.41
CA ALA A 373 49.36 -6.24 -22.91
C ALA A 373 48.49 -7.24 -22.14
N GLN A 374 48.00 -6.83 -20.97
CA GLN A 374 47.12 -7.69 -20.17
C GLN A 374 45.89 -8.13 -20.97
N ILE A 375 45.42 -7.30 -21.91
CA ILE A 375 44.20 -7.59 -22.66
C ILE A 375 44.45 -8.73 -23.63
N LYS A 376 45.51 -8.62 -24.43
CA LYS A 376 45.90 -9.67 -25.35
C LYS A 376 46.05 -10.99 -24.62
N GLU A 377 46.88 -11.00 -23.57
CA GLU A 377 47.02 -12.18 -22.72
C GLU A 377 45.65 -12.70 -22.30
N PHE A 378 44.76 -11.82 -21.86
CA PHE A 378 43.40 -12.22 -21.59
C PHE A 378 42.73 -12.75 -22.84
N CYS A 379 42.62 -11.89 -23.86
CA CYS A 379 41.79 -12.23 -25.01
C CYS A 379 42.20 -13.56 -25.60
N LEU A 380 43.49 -13.71 -25.85
CA LEU A 380 44.01 -14.98 -26.35
C LEU A 380 43.66 -16.12 -25.42
N SER A 381 43.97 -15.96 -24.13
CA SER A 381 43.80 -17.06 -23.18
C SER A 381 42.42 -17.68 -23.27
N LYS A 382 41.41 -16.88 -23.57
CA LYS A 382 40.10 -17.45 -23.85
C LYS A 382 40.10 -18.09 -25.22
N MET A 383 40.29 -17.28 -26.26
CA MET A 383 39.85 -17.57 -27.63
C MET A 383 40.11 -18.99 -28.14
N GLU A 384 41.38 -19.35 -28.33
CA GLU A 384 41.73 -20.47 -29.20
C GLU A 384 41.09 -21.82 -28.82
N ASP A 385 41.56 -22.47 -27.74
CA ASP A 385 41.14 -23.84 -27.45
C ASP A 385 39.64 -23.95 -27.18
N LEU A 386 39.04 -22.88 -26.66
CA LEU A 386 37.84 -22.89 -25.84
C LEU A 386 36.55 -22.67 -26.61
N GLU A 387 36.59 -22.73 -27.94
CA GLU A 387 35.38 -22.51 -28.73
C GLU A 387 34.29 -23.55 -28.51
N LEU A 388 34.53 -24.51 -27.61
CA LEU A 388 33.47 -25.20 -26.85
C LEU A 388 32.13 -24.45 -26.92
N PRO A 422 43.77 -17.26 -43.80
CA PRO A 422 42.43 -17.54 -43.26
C PRO A 422 42.34 -17.45 -41.74
N VAL A 423 42.77 -16.28 -41.22
CA VAL A 423 42.41 -15.73 -39.92
C VAL A 423 42.88 -16.52 -38.68
N SER A 424 44.15 -16.37 -38.30
CA SER A 424 44.73 -16.95 -37.07
C SER A 424 44.22 -16.25 -35.79
N PRO A 425 44.35 -16.89 -34.61
CA PRO A 425 43.79 -16.25 -33.40
C PRO A 425 44.57 -15.03 -32.94
N SER A 426 45.91 -15.08 -33.03
CA SER A 426 46.74 -13.98 -32.60
C SER A 426 46.69 -12.80 -33.56
N ASP A 427 46.20 -13.02 -34.77
CA ASP A 427 46.18 -11.99 -35.80
C ASP A 427 44.99 -11.04 -35.65
N GLU A 428 43.78 -11.58 -35.37
CA GLU A 428 42.57 -10.78 -35.43
C GLU A 428 42.66 -9.55 -34.54
N PHE A 429 43.50 -9.63 -33.50
CA PHE A 429 43.83 -8.55 -32.58
C PHE A 429 44.37 -7.34 -33.35
N GLU A 430 45.58 -7.46 -33.89
CA GLU A 430 46.17 -6.31 -34.57
C GLU A 430 45.38 -5.94 -35.81
N PHE A 431 44.83 -6.94 -36.48
CA PHE A 431 43.79 -6.69 -37.46
C PHE A 431 42.71 -5.79 -36.88
N TYR A 432 42.26 -6.08 -35.66
CA TYR A 432 41.29 -5.18 -35.05
C TYR A 432 41.91 -3.80 -34.88
N ARG A 433 43.11 -3.71 -34.30
CA ARG A 433 43.71 -2.40 -34.04
C ARG A 433 43.62 -1.48 -35.26
N LYS A 434 43.87 -2.02 -36.46
CA LYS A 434 43.74 -1.19 -37.66
C LYS A 434 42.31 -0.76 -37.93
N GLU A 435 41.32 -1.29 -37.22
CA GLU A 435 40.00 -0.70 -37.31
C GLU A 435 40.09 0.76 -36.86
N ILE A 436 39.39 1.63 -37.58
CA ILE A 436 39.22 3.03 -37.22
C ILE A 436 37.79 3.44 -37.53
N VAL A 437 37.08 3.99 -36.52
CA VAL A 437 35.73 4.51 -36.71
C VAL A 437 35.64 5.90 -36.09
N ILE A 438 34.64 6.65 -36.51
CA ILE A 438 34.27 7.88 -35.82
C ILE A 438 32.99 7.60 -35.02
N LEU A 439 32.98 8.06 -33.77
CA LEU A 439 31.77 7.95 -32.96
C LEU A 439 30.66 8.82 -33.57
N SER A 440 29.50 8.21 -33.84
CA SER A 440 28.41 8.89 -34.51
C SER A 440 27.22 9.05 -33.58
N GLU A 441 26.39 10.04 -33.91
CA GLU A 441 25.25 10.38 -33.06
C GLU A 441 24.49 9.12 -32.69
N ASP A 442 24.23 8.24 -33.65
CA ASP A 442 23.81 6.90 -33.35
C ASP A 442 24.97 5.98 -33.67
N PHE A 443 25.61 5.48 -32.63
CA PHE A 443 26.57 4.40 -32.77
C PHE A 443 26.03 3.27 -31.93
N LYS A 444 25.89 2.11 -32.52
CA LYS A 444 25.52 0.91 -31.79
C LYS A 444 26.69 -0.07 -31.84
N VAL A 445 27.41 -0.19 -30.72
CA VAL A 445 28.51 -1.14 -30.70
C VAL A 445 27.97 -2.54 -30.62
N MET A 446 26.75 -2.67 -30.08
CA MET A 446 25.98 -3.90 -30.21
C MET A 446 25.97 -4.40 -31.66
N GLU A 447 25.63 -3.52 -32.61
CA GLU A 447 25.40 -3.93 -33.98
C GLU A 447 26.68 -4.02 -34.81
N TRP A 448 27.62 -3.10 -34.57
CA TRP A 448 28.86 -3.09 -35.33
C TRP A 448 29.47 -4.46 -35.37
N TRP A 449 29.32 -5.23 -34.31
CA TRP A 449 30.06 -6.49 -34.19
C TRP A 449 29.44 -7.62 -35.02
N ASN A 450 28.12 -7.87 -34.93
CA ASN A 450 27.56 -8.89 -35.83
C ASN A 450 27.67 -8.43 -37.29
N LEU A 451 27.77 -7.13 -37.51
CA LEU A 451 27.87 -6.56 -38.84
C LEU A 451 29.30 -6.17 -39.24
N ASN A 452 30.27 -6.40 -38.36
CA ASN A 452 31.68 -6.54 -38.69
C ASN A 452 32.18 -7.97 -38.57
N SER A 453 31.29 -8.92 -38.31
CA SER A 453 31.72 -10.26 -37.92
C SER A 453 32.50 -10.91 -39.06
N LYS A 454 33.19 -11.99 -38.73
CA LYS A 454 33.87 -12.83 -39.71
C LYS A 454 35.10 -12.10 -40.24
N LYS A 455 35.12 -10.76 -40.13
CA LYS A 455 36.39 -10.06 -40.24
C LYS A 455 37.22 -10.31 -39.00
N TYR A 456 36.57 -10.74 -37.91
CA TYR A 456 37.25 -11.23 -36.72
C TYR A 456 36.44 -12.37 -36.13
N PRO A 457 36.33 -13.49 -36.86
CA PRO A 457 35.36 -14.53 -36.48
C PRO A 457 35.63 -15.20 -35.13
N LYS A 458 36.86 -15.12 -34.61
CA LYS A 458 37.12 -15.47 -33.22
C LYS A 458 36.96 -14.29 -32.25
N LEU A 459 37.07 -13.05 -32.74
CA LEU A 459 36.82 -11.91 -31.86
C LEU A 459 35.35 -11.57 -31.78
N SER A 460 34.62 -11.73 -32.89
CA SER A 460 33.17 -11.46 -32.88
C SER A 460 32.48 -12.22 -31.77
N LYS A 461 33.07 -13.34 -31.33
CA LYS A 461 32.53 -14.11 -30.23
C LYS A 461 32.96 -13.57 -28.86
N LEU A 462 33.96 -12.69 -28.78
CA LEU A 462 34.23 -12.05 -27.48
C LEU A 462 33.26 -10.90 -27.26
N ALA A 463 33.42 -9.80 -27.99
CA ALA A 463 32.59 -8.64 -27.72
C ALA A 463 31.14 -9.00 -27.57
N LEU A 464 30.63 -9.93 -28.39
CA LEU A 464 29.25 -10.37 -28.22
C LEU A 464 29.05 -10.87 -26.79
N SER A 465 30.05 -11.59 -26.24
CA SER A 465 29.96 -12.19 -24.92
C SER A 465 30.22 -11.21 -23.78
N LEU A 466 31.24 -10.33 -23.89
CA LEU A 466 31.48 -9.40 -22.80
C LEU A 466 30.46 -8.27 -22.77
N LEU A 467 29.97 -7.85 -23.92
CA LEU A 467 29.09 -6.71 -23.91
C LEU A 467 27.72 -7.06 -23.38
N SER A 468 27.31 -8.32 -23.44
CA SER A 468 26.12 -8.73 -22.70
C SER A 468 26.28 -8.59 -21.19
N ILE A 469 27.46 -8.26 -20.67
CA ILE A 469 27.66 -8.20 -19.22
C ILE A 469 27.15 -6.87 -18.69
N PRO A 470 26.31 -6.88 -17.63
CA PRO A 470 25.46 -5.74 -17.30
C PRO A 470 26.11 -4.56 -16.60
N ALA A 471 27.25 -4.71 -15.92
CA ALA A 471 28.02 -3.62 -15.33
C ALA A 471 27.50 -3.11 -13.99
N SER A 472 26.33 -3.55 -13.52
CA SER A 472 25.81 -3.08 -12.25
C SER A 472 24.77 -4.08 -11.78
N SER A 473 24.51 -4.07 -10.49
CA SER A 473 23.59 -5.01 -9.87
C SER A 473 22.17 -4.49 -9.91
N ALA A 474 21.95 -3.41 -10.69
CA ALA A 474 20.64 -2.80 -10.89
C ALA A 474 19.48 -3.77 -11.15
N ALA A 475 19.69 -4.76 -12.02
CA ALA A 475 18.61 -5.68 -12.35
C ALA A 475 17.92 -6.20 -11.11
N SER A 476 18.72 -6.75 -10.21
CA SER A 476 18.23 -7.21 -8.91
C SER A 476 17.41 -6.15 -8.22
N GLU A 477 17.96 -4.95 -8.06
CA GLU A 477 17.19 -3.90 -7.41
C GLU A 477 15.87 -3.70 -8.15
N ARG A 478 15.94 -3.54 -9.48
CA ARG A 478 14.75 -3.37 -10.28
C ARG A 478 13.77 -4.46 -9.96
N THR A 479 14.28 -5.67 -9.83
CA THR A 479 13.47 -6.82 -9.47
C THR A 479 12.82 -6.66 -8.10
N PHE A 480 13.64 -6.28 -7.10
CA PHE A 480 13.13 -6.09 -5.73
C PHE A 480 12.03 -5.07 -5.70
N SER A 481 12.25 -3.97 -6.42
CA SER A 481 11.23 -2.95 -6.54
C SER A 481 9.89 -3.56 -6.89
N LEU A 482 9.87 -4.53 -7.80
CA LEU A 482 8.63 -5.12 -8.28
C LEU A 482 8.04 -6.11 -7.29
N ALA A 483 8.90 -6.85 -6.61
CA ALA A 483 8.45 -7.71 -5.54
C ALA A 483 7.74 -6.89 -4.49
N GLY A 484 8.26 -5.68 -4.26
CA GLY A 484 7.69 -4.82 -3.26
C GLY A 484 6.26 -4.45 -3.54
N ASN A 485 5.87 -4.38 -4.81
CA ASN A 485 4.46 -4.08 -5.04
C ASN A 485 3.61 -5.33 -5.16
N ILE A 486 4.22 -6.50 -5.19
CA ILE A 486 3.44 -7.70 -4.93
C ILE A 486 3.19 -7.84 -3.45
N ILE A 487 4.25 -7.75 -2.63
CA ILE A 487 4.11 -8.05 -1.20
C ILE A 487 3.73 -6.77 -0.48
N THR A 488 2.45 -6.61 -0.18
CA THR A 488 1.94 -5.34 0.27
C THR A 488 1.14 -5.59 1.52
N GLU A 489 0.61 -4.52 2.09
CA GLU A 489 -0.06 -4.66 3.37
C GLU A 489 -1.21 -5.62 3.27
N LYS A 490 -2.08 -5.46 2.24
CA LYS A 490 -3.27 -6.30 2.17
C LYS A 490 -2.99 -7.65 1.52
N ARG A 491 -1.92 -7.73 0.76
CA ARG A 491 -1.55 -8.95 0.07
C ARG A 491 -0.66 -9.86 0.90
N ASN A 492 -0.62 -9.68 2.22
CA ASN A 492 0.58 -10.07 2.96
C ASN A 492 0.74 -11.57 3.15
N ARG A 493 -0.36 -12.34 3.01
CA ARG A 493 -0.32 -13.81 3.14
C ARG A 493 0.43 -14.50 1.99
N ILE A 494 0.69 -13.79 0.88
CA ILE A 494 1.27 -14.39 -0.32
C ILE A 494 2.50 -15.20 0.04
N GLY A 495 2.64 -16.36 -0.60
CA GLY A 495 3.69 -17.30 -0.26
C GLY A 495 4.88 -17.13 -1.19
N GLN A 496 6.06 -17.63 -0.75
CA GLN A 496 7.31 -17.37 -1.47
C GLN A 496 7.22 -17.81 -2.91
N GLN A 497 6.46 -18.86 -3.16
CA GLN A 497 6.39 -19.42 -4.49
C GLN A 497 5.49 -18.60 -5.39
N THR A 498 4.43 -18.02 -4.84
CA THR A 498 3.56 -17.20 -5.68
C THR A 498 4.25 -15.90 -6.04
N VAL A 499 5.16 -15.44 -5.21
CA VAL A 499 5.85 -14.22 -5.61
C VAL A 499 6.86 -14.55 -6.70
N ASP A 500 7.67 -15.58 -6.46
CA ASP A 500 8.70 -15.95 -7.43
C ASP A 500 8.08 -16.28 -8.78
N SER A 501 7.05 -17.11 -8.77
CA SER A 501 6.26 -17.41 -9.95
C SER A 501 5.69 -16.16 -10.58
N LEU A 502 5.02 -15.33 -9.79
CA LEU A 502 4.51 -14.07 -10.32
C LEU A 502 5.62 -13.25 -10.97
N LEU A 503 6.85 -13.38 -10.46
CA LEU A 503 7.92 -12.48 -10.85
C LEU A 503 8.64 -12.91 -12.13
N PHE A 504 9.01 -14.19 -12.19
CA PHE A 504 9.45 -14.83 -13.43
C PHE A 504 8.50 -14.52 -14.55
N LEU A 505 7.24 -14.94 -14.39
CA LEU A 505 6.24 -14.81 -15.44
C LEU A 505 6.23 -13.44 -16.07
N ASN A 506 6.24 -12.38 -15.26
CA ASN A 506 6.21 -11.07 -15.91
C ASN A 506 7.54 -10.75 -16.58
N SER A 507 8.66 -11.27 -16.07
CA SER A 507 9.90 -11.14 -16.82
C SER A 507 9.82 -11.96 -18.09
N PHE A 508 9.05 -13.05 -18.06
CA PHE A 508 8.94 -13.94 -19.22
C PHE A 508 8.14 -13.29 -20.37
N TYR A 509 6.95 -12.75 -20.09
CA TYR A 509 6.27 -12.12 -21.21
C TYR A 509 7.02 -10.89 -21.67
N LYS A 510 8.02 -10.47 -20.91
CA LYS A 510 8.76 -9.27 -21.23
C LYS A 510 9.81 -9.55 -22.30
N ASN A 511 10.62 -10.57 -22.09
CA ASN A 511 11.73 -10.79 -23.02
C ASN A 511 11.28 -11.54 -24.28
N PHE A 512 10.29 -12.42 -24.17
CA PHE A 512 9.93 -13.33 -25.25
C PHE A 512 8.66 -12.98 -26.04
N CYS A 513 7.86 -11.97 -25.68
CA CYS A 513 6.53 -11.91 -26.27
C CYS A 513 6.14 -10.50 -26.69
N LYS A 514 5.76 -10.33 -27.95
CA LYS A 514 5.07 -9.11 -28.36
C LYS A 514 3.64 -9.42 -28.86
N ARG E 6 -33.72 -16.58 -20.05
CA ARG E 6 -33.33 -16.82 -18.67
C ARG E 6 -32.04 -17.62 -18.57
N GLU E 7 -32.15 -18.92 -18.81
CA GLU E 7 -31.03 -19.82 -18.60
C GLU E 7 -29.86 -19.42 -19.52
N LEU E 8 -28.65 -19.59 -19.00
CA LEU E 8 -27.47 -18.96 -19.58
C LEU E 8 -26.47 -20.01 -20.07
N LYS E 9 -25.68 -19.61 -21.07
CA LYS E 9 -24.81 -20.55 -21.75
C LYS E 9 -23.60 -20.91 -20.89
N THR E 10 -23.17 -22.16 -21.00
CA THR E 10 -22.04 -22.72 -20.25
C THR E 10 -20.92 -23.11 -21.24
N VAL E 11 -19.86 -22.31 -21.28
CA VAL E 11 -18.89 -22.47 -22.35
C VAL E 11 -18.05 -23.73 -22.13
N SER E 12 -17.40 -24.19 -23.21
CA SER E 12 -16.65 -25.44 -23.19
C SER E 12 -15.60 -25.42 -22.10
N ALA E 13 -15.26 -26.60 -21.58
CA ALA E 13 -14.11 -26.71 -20.69
C ALA E 13 -12.77 -26.54 -21.42
N ASP E 14 -12.79 -26.35 -22.75
CA ASP E 14 -11.68 -25.73 -23.43
C ASP E 14 -11.74 -24.21 -23.34
N CYS E 15 -12.92 -23.62 -23.54
CA CYS E 15 -13.06 -22.18 -23.38
C CYS E 15 -12.73 -21.75 -21.96
N LYS E 16 -13.09 -22.58 -20.95
CA LYS E 16 -12.80 -22.30 -19.54
C LYS E 16 -11.31 -22.09 -19.41
N LYS E 17 -10.51 -23.14 -19.60
CA LYS E 17 -9.09 -23.03 -19.31
C LYS E 17 -8.36 -22.03 -20.21
N GLU E 18 -9.02 -21.43 -21.21
CA GLU E 18 -8.47 -20.25 -21.85
C GLU E 18 -9.00 -18.95 -21.24
N ALA E 19 -9.95 -19.00 -20.31
CA ALA E 19 -10.12 -17.84 -19.45
C ALA E 19 -9.12 -17.87 -18.29
N ILE E 20 -8.92 -19.04 -17.67
CA ILE E 20 -8.01 -19.12 -16.52
C ILE E 20 -6.54 -19.09 -16.93
N GLU E 21 -6.19 -19.14 -18.23
CA GLU E 21 -4.84 -18.68 -18.62
C GLU E 21 -4.78 -17.19 -18.97
N LYS E 22 -5.82 -16.61 -19.58
CA LYS E 22 -5.73 -15.21 -19.96
C LYS E 22 -6.04 -14.27 -18.80
N CYS E 23 -6.83 -14.75 -17.83
CA CYS E 23 -7.10 -13.95 -16.64
C CYS E 23 -5.86 -13.85 -15.76
N ALA E 24 -5.21 -14.98 -15.51
CA ALA E 24 -3.88 -14.96 -14.92
C ALA E 24 -2.97 -13.96 -15.63
N GLN E 25 -3.02 -13.95 -16.97
CA GLN E 25 -2.23 -12.99 -17.75
C GLN E 25 -2.42 -11.60 -17.23
N TRP E 26 -3.63 -11.27 -16.80
CA TRP E 26 -3.93 -9.92 -16.36
C TRP E 26 -3.15 -9.56 -15.10
N VAL E 27 -3.23 -10.46 -14.12
CA VAL E 27 -2.68 -10.33 -12.78
C VAL E 27 -1.14 -10.26 -12.81
N VAL E 28 -0.51 -10.88 -13.80
CA VAL E 28 0.93 -10.81 -13.98
C VAL E 28 1.35 -9.55 -14.78
N ARG E 29 0.54 -9.08 -15.72
CA ARG E 29 0.93 -7.97 -16.57
C ARG E 29 0.47 -6.63 -16.04
N ASP E 30 -0.52 -6.63 -15.17
CA ASP E 30 -0.83 -5.44 -14.40
C ASP E 30 -0.38 -5.50 -12.95
N CYS E 31 0.17 -6.64 -12.51
CA CYS E 31 0.48 -6.86 -11.11
C CYS E 31 -0.75 -6.48 -10.30
N ARG E 32 -1.81 -7.30 -10.39
CA ARG E 32 -3.05 -7.05 -9.68
C ARG E 32 -3.31 -8.23 -8.76
N PRO E 33 -4.20 -8.09 -7.78
CA PRO E 33 -4.38 -9.19 -6.85
C PRO E 33 -5.23 -10.28 -7.47
N PHE E 34 -4.98 -11.50 -7.04
CA PHE E 34 -5.85 -12.60 -7.44
C PHE E 34 -7.31 -12.23 -7.20
N SER E 35 -7.65 -11.80 -6.00
CA SER E 35 -9.04 -11.50 -5.66
C SER E 35 -9.69 -10.46 -6.57
N ALA E 36 -8.94 -9.90 -7.51
CA ALA E 36 -9.57 -8.94 -8.40
C ALA E 36 -10.64 -9.59 -9.27
N VAL E 37 -10.46 -10.89 -9.67
CA VAL E 37 -11.46 -11.66 -10.45
C VAL E 37 -12.82 -11.67 -9.76
N SER E 38 -12.84 -12.04 -8.47
CA SER E 38 -14.08 -12.17 -7.72
C SER E 38 -14.82 -10.85 -7.57
N GLY E 39 -14.22 -9.74 -7.96
CA GLY E 39 -14.85 -8.49 -7.67
C GLY E 39 -16.18 -8.33 -8.34
N SER E 40 -17.22 -8.17 -7.54
CA SER E 40 -18.56 -7.97 -8.09
C SER E 40 -18.61 -6.89 -9.18
N GLY E 41 -18.38 -5.62 -8.86
CA GLY E 41 -18.51 -4.61 -9.92
C GLY E 41 -17.65 -4.89 -11.12
N PHE E 42 -16.69 -5.78 -10.97
CA PHE E 42 -15.81 -6.18 -12.04
C PHE E 42 -16.44 -7.20 -12.95
N ILE E 43 -17.45 -7.94 -12.47
CA ILE E 43 -18.22 -8.81 -13.36
C ILE E 43 -19.32 -8.05 -14.11
N ASP E 44 -20.19 -7.32 -13.40
CA ASP E 44 -21.11 -6.44 -14.10
C ASP E 44 -20.39 -5.54 -15.08
N MET E 45 -19.07 -5.37 -14.89
CA MET E 45 -18.22 -4.92 -15.98
C MET E 45 -18.12 -6.00 -17.08
N ILE E 46 -17.68 -7.21 -16.72
CA ILE E 46 -17.27 -8.20 -17.72
C ILE E 46 -18.42 -8.57 -18.62
N LYS E 47 -19.59 -8.81 -18.02
CA LYS E 47 -20.78 -9.22 -18.76
C LYS E 47 -21.07 -8.27 -19.94
N PHE E 48 -21.03 -6.96 -19.69
CA PHE E 48 -21.14 -6.03 -20.81
C PHE E 48 -20.11 -6.28 -21.92
N PHE E 49 -19.00 -6.95 -21.65
CA PHE E 49 -18.03 -7.19 -22.71
C PHE E 49 -18.35 -8.41 -23.55
N ILE E 50 -18.89 -9.44 -22.92
CA ILE E 50 -19.48 -10.56 -23.65
C ILE E 50 -20.67 -10.06 -24.49
N LYS E 51 -21.66 -9.44 -23.83
CA LYS E 51 -22.78 -8.84 -24.56
C LYS E 51 -22.29 -7.90 -25.64
N VAL E 52 -21.17 -7.21 -25.42
CA VAL E 52 -20.69 -6.37 -26.51
C VAL E 52 -20.00 -7.19 -27.58
N GLY E 53 -19.52 -8.39 -27.25
CA GLY E 53 -19.02 -9.28 -28.26
C GLY E 53 -20.11 -9.96 -29.07
N ALA E 54 -21.26 -10.24 -28.45
CA ALA E 54 -22.39 -10.74 -29.20
C ALA E 54 -22.67 -9.76 -30.33
N GLU E 55 -23.14 -8.56 -30.00
CA GLU E 55 -23.63 -7.62 -31.01
C GLU E 55 -22.59 -7.33 -32.11
N TYR E 56 -21.33 -7.03 -31.76
CA TYR E 56 -20.31 -6.71 -32.78
C TYR E 56 -19.28 -7.80 -33.08
N GLY E 57 -19.26 -8.94 -32.36
CA GLY E 57 -18.43 -10.08 -32.75
C GLY E 57 -16.94 -10.01 -32.43
N GLU E 58 -16.25 -11.13 -32.71
CA GLU E 58 -14.86 -11.37 -32.27
C GLU E 58 -13.89 -10.25 -32.66
N HIS E 59 -14.24 -9.37 -33.60
CA HIS E 59 -13.35 -8.30 -34.05
C HIS E 59 -13.95 -6.94 -33.69
N VAL E 60 -13.39 -6.33 -32.63
CA VAL E 60 -13.83 -5.01 -32.17
C VAL E 60 -12.61 -4.13 -31.95
N ASN E 61 -12.85 -2.82 -32.05
CA ASN E 61 -11.79 -1.84 -31.88
C ASN E 61 -11.77 -1.46 -30.40
N VAL E 62 -10.81 -2.04 -29.69
CA VAL E 62 -10.86 -2.02 -28.24
C VAL E 62 -10.34 -0.67 -27.74
N GLU E 63 -9.26 -0.19 -28.36
CA GLU E 63 -8.51 0.94 -27.81
C GLU E 63 -9.30 2.24 -27.91
N GLU E 64 -10.22 2.34 -28.85
CA GLU E 64 -11.16 3.44 -28.76
C GLU E 64 -12.26 3.12 -27.79
N LEU E 65 -12.48 1.83 -27.54
CA LEU E 65 -13.65 1.40 -26.79
C LEU E 65 -13.47 1.79 -25.34
N LEU E 66 -12.57 1.08 -24.67
CA LEU E 66 -12.39 1.28 -23.25
C LEU E 66 -11.84 2.67 -23.01
N PRO E 67 -12.37 3.40 -22.05
CA PRO E 67 -12.02 4.82 -21.89
C PRO E 67 -10.63 4.99 -21.29
N SER E 68 -10.16 6.23 -21.43
CA SER E 68 -8.90 6.60 -20.86
C SER E 68 -9.08 6.73 -19.36
N PRO E 69 -8.12 6.27 -18.56
CA PRO E 69 -8.24 6.44 -17.11
C PRO E 69 -8.63 7.84 -16.67
N ILE E 70 -8.32 8.90 -17.42
CA ILE E 70 -8.80 10.22 -16.96
C ILE E 70 -10.30 10.42 -17.20
N THR E 71 -10.88 9.76 -18.19
CA THR E 71 -12.33 9.97 -18.31
C THR E 71 -13.04 9.27 -17.17
N LEU E 72 -12.57 8.08 -16.77
CA LEU E 72 -13.19 7.40 -15.65
C LEU E 72 -13.06 8.19 -14.36
N SER E 73 -11.95 8.94 -14.16
CA SER E 73 -12.00 9.90 -13.08
C SER E 73 -13.02 10.95 -13.40
N ARG E 74 -12.97 11.44 -14.64
CA ARG E 74 -13.76 12.61 -14.97
C ARG E 74 -15.24 12.28 -14.84
N LYS E 75 -15.63 11.10 -15.33
CA LYS E 75 -16.94 10.55 -15.02
C LYS E 75 -17.14 10.46 -13.52
N VAL E 76 -16.41 9.55 -12.88
CA VAL E 76 -16.73 9.10 -11.52
C VAL E 76 -17.03 10.29 -10.62
N THR E 77 -16.40 11.42 -10.88
CA THR E 77 -16.68 12.63 -10.14
C THR E 77 -17.96 13.31 -10.59
N SER E 78 -18.42 13.04 -11.82
CA SER E 78 -19.67 13.61 -12.33
C SER E 78 -20.88 12.77 -11.93
N ASP E 79 -20.77 11.44 -12.05
CA ASP E 79 -21.70 10.51 -11.42
C ASP E 79 -21.97 10.94 -9.98
N ALA E 80 -20.91 11.35 -9.29
CA ALA E 80 -21.02 11.87 -7.94
C ALA E 80 -22.08 12.96 -7.89
N LYS E 81 -21.90 13.97 -8.74
CA LYS E 81 -22.84 15.09 -8.79
C LYS E 81 -24.28 14.61 -8.95
N GLU E 82 -24.56 13.86 -10.01
CA GLU E 82 -25.95 13.59 -10.32
C GLU E 82 -26.60 12.90 -9.16
N LYS E 83 -26.07 11.74 -8.80
CA LYS E 83 -26.65 11.05 -7.68
C LYS E 83 -26.62 11.83 -6.36
N LYS E 84 -25.88 12.94 -6.26
CA LYS E 84 -25.97 13.69 -5.01
C LYS E 84 -27.19 14.61 -5.02
N ALA E 85 -27.15 15.74 -5.72
CA ALA E 85 -28.32 16.63 -5.67
C ALA E 85 -29.59 15.99 -6.25
N LEU E 86 -29.48 14.79 -6.86
CA LEU E 86 -30.64 13.93 -7.08
C LEU E 86 -31.35 13.72 -5.75
N ILE E 87 -30.73 12.93 -4.86
CA ILE E 87 -31.41 12.42 -3.68
C ILE E 87 -31.57 13.52 -2.64
N SER E 88 -31.09 14.73 -2.94
CA SER E 88 -31.28 15.85 -2.02
C SER E 88 -32.73 15.95 -1.56
N ARG E 89 -33.66 15.45 -2.39
CA ARG E 89 -35.06 15.34 -2.03
C ARG E 89 -35.22 14.26 -0.99
N GLU E 90 -35.06 12.99 -1.38
CA GLU E 90 -35.27 11.89 -0.46
C GLU E 90 -34.48 12.04 0.83
N ILE E 91 -33.32 12.70 0.75
CA ILE E 91 -32.60 13.08 1.98
C ILE E 91 -33.45 14.05 2.78
N LYS E 92 -33.74 15.23 2.18
CA LYS E 92 -34.45 16.28 2.90
C LYS E 92 -35.79 15.76 3.44
N SER E 93 -36.32 14.71 2.82
CA SER E 93 -37.55 14.09 3.28
C SER E 93 -37.35 13.44 4.63
N ALA E 94 -36.15 12.95 4.91
CA ALA E 94 -35.84 12.51 6.27
C ALA E 94 -35.51 13.68 7.17
N VAL E 95 -34.84 14.70 6.63
CA VAL E 95 -34.39 15.83 7.43
C VAL E 95 -35.56 16.55 8.07
N GLU E 96 -36.56 16.87 7.24
CA GLU E 96 -37.73 17.58 7.73
C GLU E 96 -38.73 16.65 8.40
N LYS E 97 -38.67 15.34 8.10
CA LYS E 97 -39.38 14.27 8.81
C LYS E 97 -38.78 14.00 10.19
N ASP E 98 -37.69 14.67 10.58
CA ASP E 98 -37.03 14.62 11.88
C ASP E 98 -36.43 13.26 12.20
N GLY E 99 -36.57 12.26 11.35
CA GLY E 99 -36.14 10.90 11.64
C GLY E 99 -34.77 10.53 11.09
N ALA E 100 -33.94 11.54 10.84
CA ALA E 100 -32.60 11.35 10.30
C ALA E 100 -31.56 11.45 11.40
N SER E 101 -30.50 10.64 11.25
CA SER E 101 -29.33 10.65 12.13
C SER E 101 -28.08 10.95 11.31
N ALA E 102 -27.06 11.51 11.99
CA ALA E 102 -25.76 11.79 11.38
C ALA E 102 -24.60 11.60 12.37
N THR E 103 -23.54 10.93 11.90
CA THR E 103 -22.30 10.69 12.66
C THR E 103 -21.17 11.46 12.01
N ILE E 104 -20.39 12.22 12.83
CA ILE E 104 -19.22 12.94 12.31
C ILE E 104 -17.96 12.75 13.18
N ASP E 105 -16.79 12.85 12.54
CA ASP E 105 -15.47 12.75 13.21
C ASP E 105 -14.43 13.35 12.25
N LEU E 106 -13.18 13.39 12.73
CA LEU E 106 -12.06 13.98 12.00
C LEU E 106 -10.97 12.94 11.84
N TRP E 107 -10.40 12.89 10.65
CA TRP E 107 -9.35 11.95 10.29
C TRP E 107 -8.28 12.73 9.55
N THR E 108 -7.17 12.08 9.19
CA THR E 108 -6.31 12.73 8.20
C THR E 108 -5.33 11.74 7.56
N ASP E 109 -5.12 11.89 6.25
CA ASP E 109 -4.41 10.87 5.46
C ASP E 109 -2.95 10.89 5.81
N ASN E 110 -2.26 9.78 5.62
CA ASN E 110 -0.86 9.98 5.92
C ASN E 110 -0.07 9.69 4.70
N TYR E 111 -0.03 10.65 3.80
CA TYR E 111 1.01 10.78 2.80
C TYR E 111 1.11 12.29 2.64
N ILE E 112 0.00 12.87 2.17
CA ILE E 112 -0.15 14.31 1.96
C ILE E 112 -0.53 15.09 3.21
N LYS E 113 -1.16 14.42 4.17
CA LYS E 113 -1.45 14.94 5.50
C LYS E 113 -2.43 16.11 5.48
N ARG E 114 -3.41 16.05 4.54
CA ARG E 114 -4.66 16.80 4.57
C ARG E 114 -5.58 16.19 5.62
N ASN E 115 -6.58 16.95 6.07
CA ASN E 115 -7.33 16.60 7.29
C ASN E 115 -8.82 16.73 7.07
N PHE E 116 -9.55 15.67 7.34
CA PHE E 116 -10.85 15.49 6.73
C PHE E 116 -12.00 15.53 7.73
N LEU E 117 -13.17 15.94 7.24
CA LEU E 117 -14.40 15.88 8.03
C LEU E 117 -15.33 14.84 7.44
N GLY E 118 -15.49 13.74 8.19
CA GLY E 118 -16.45 12.72 7.84
C GLY E 118 -17.85 13.02 8.37
N VAL E 119 -18.84 12.72 7.53
CA VAL E 119 -20.25 12.82 7.86
C VAL E 119 -20.95 11.62 7.26
N THR E 120 -21.87 11.01 8.02
CA THR E 120 -22.77 10.01 7.49
C THR E 120 -24.17 10.36 7.91
N LEU E 121 -25.15 9.78 7.20
CA LEU E 121 -26.56 9.95 7.50
C LEU E 121 -27.21 8.61 7.74
N HIS E 122 -28.20 8.62 8.64
CA HIS E 122 -28.96 7.44 9.04
C HIS E 122 -30.45 7.80 9.11
N TYR E 123 -31.30 6.96 8.52
CA TYR E 123 -32.76 7.08 8.56
C TYR E 123 -33.35 5.71 8.27
N HIS E 124 -34.68 5.65 8.19
CA HIS E 124 -35.37 4.38 7.98
C HIS E 124 -36.02 4.28 6.60
N GLU E 125 -37.00 5.14 6.30
CA GLU E 125 -37.76 5.09 5.04
C GLU E 125 -38.42 3.72 4.83
N ASN E 126 -39.64 3.58 5.35
CA ASN E 126 -40.42 2.35 5.56
C ASN E 126 -39.58 1.45 6.48
N ASN E 127 -39.54 0.15 6.27
CA ASN E 127 -38.69 -0.70 7.07
C ASN E 127 -37.49 -0.93 6.17
N GLU E 128 -36.43 -0.18 6.45
CA GLU E 128 -35.13 -0.36 5.81
C GLU E 128 -34.01 -0.23 6.83
N LEU E 129 -33.82 1.01 7.34
CA LEU E 129 -32.61 1.47 8.02
C LEU E 129 -31.38 1.54 7.13
N ARG E 130 -31.27 2.62 6.34
CA ARG E 130 -30.12 2.82 5.47
C ARG E 130 -29.07 3.74 6.11
N ASP E 131 -27.79 3.28 6.06
CA ASP E 131 -26.59 3.98 6.55
C ASP E 131 -25.75 4.43 5.35
N LEU E 132 -25.61 5.75 5.20
CA LEU E 132 -25.19 6.30 3.93
C LEU E 132 -24.24 7.46 4.14
N ILE E 133 -23.07 7.37 3.48
CA ILE E 133 -21.95 8.31 3.63
C ILE E 133 -22.31 9.61 2.91
N LEU E 134 -22.38 10.71 3.63
CA LEU E 134 -22.73 11.95 2.93
C LEU E 134 -21.53 12.56 2.22
N GLY E 135 -20.45 12.72 2.96
CA GLY E 135 -19.37 13.52 2.45
C GLY E 135 -18.14 13.37 3.31
N LEU E 136 -17.02 13.65 2.68
CA LEU E 136 -15.74 13.79 3.34
C LEU E 136 -15.11 15.01 2.69
N LYS E 137 -15.03 16.12 3.40
CA LYS E 137 -14.54 17.33 2.78
C LYS E 137 -13.28 17.72 3.50
N SER E 138 -12.28 18.13 2.74
CA SER E 138 -11.07 18.52 3.43
C SER E 138 -11.20 19.91 3.99
N LEU E 139 -10.41 20.19 5.02
CA LEU E 139 -10.34 21.54 5.53
C LEU E 139 -9.39 22.39 4.72
N ASP E 140 -8.86 21.84 3.64
CA ASP E 140 -7.63 22.34 3.08
C ASP E 140 -6.72 22.41 4.28
N PHE E 141 -5.88 23.41 4.41
CA PHE E 141 -4.98 23.32 5.54
C PHE E 141 -5.34 24.28 6.65
N GLU E 142 -6.45 24.97 6.48
CA GLU E 142 -7.06 25.71 7.55
C GLU E 142 -7.25 24.78 8.74
N ARG E 143 -7.16 25.35 9.92
CA ARG E 143 -6.58 24.67 11.06
C ARG E 143 -7.57 23.88 11.91
N SER E 144 -8.83 23.76 11.45
CA SER E 144 -9.77 22.76 11.99
C SER E 144 -10.27 23.06 13.40
N THR E 145 -10.63 24.31 13.61
CA THR E 145 -11.29 24.61 14.85
C THR E 145 -12.79 24.28 14.73
N ALA E 146 -13.50 24.46 15.83
CA ALA E 146 -14.94 24.22 15.78
C ALA E 146 -15.56 24.91 14.58
N GLU E 147 -15.03 26.07 14.25
CA GLU E 147 -15.75 27.04 13.46
C GLU E 147 -15.72 26.69 11.96
N ASN E 148 -14.55 26.36 11.46
CA ASN E 148 -14.44 25.96 10.07
C ASN E 148 -14.81 24.51 9.86
N ILE E 149 -14.91 23.73 10.93
CA ILE E 149 -15.63 22.45 10.86
C ILE E 149 -17.08 22.69 10.47
N TYR E 150 -17.78 23.49 11.29
CA TYR E 150 -19.19 23.84 11.05
C TYR E 150 -19.37 24.22 9.60
N LYS E 151 -18.50 25.11 9.13
CA LYS E 151 -18.51 25.54 7.74
C LYS E 151 -18.57 24.33 6.82
N LYS E 152 -17.60 23.42 6.96
CA LYS E 152 -17.60 22.28 6.05
C LYS E 152 -18.85 21.47 6.22
N LEU E 153 -19.44 21.50 7.41
CA LEU E 153 -20.65 20.73 7.60
C LEU E 153 -21.77 21.29 6.74
N LYS E 154 -22.01 22.60 6.83
CA LYS E 154 -23.00 23.14 5.92
C LYS E 154 -22.59 22.83 4.50
N ALA E 155 -21.31 22.94 4.19
CA ALA E 155 -20.83 22.60 2.86
C ALA E 155 -21.33 21.23 2.43
N ILE E 156 -21.07 20.20 3.24
CA ILE E 156 -21.48 18.84 2.86
C ILE E 156 -22.99 18.74 2.77
N PHE E 157 -23.67 19.13 3.84
CA PHE E 157 -25.13 19.05 3.84
C PHE E 157 -25.75 19.94 2.77
N SER E 158 -25.12 21.08 2.46
CA SER E 158 -25.70 22.01 1.49
C SER E 158 -25.91 21.37 0.15
N GLN E 159 -25.07 20.39 -0.22
CA GLN E 159 -25.15 19.77 -1.54
C GLN E 159 -26.37 18.88 -1.71
N PHE E 160 -27.06 18.63 -0.61
CA PHE E 160 -28.41 18.09 -0.56
C PHE E 160 -29.45 19.13 -0.21
N ASN E 161 -29.07 20.41 -0.23
CA ASN E 161 -29.92 21.60 -0.21
C ASN E 161 -30.26 22.08 1.19
N VAL E 162 -29.80 21.42 2.25
CA VAL E 162 -30.30 21.68 3.59
C VAL E 162 -29.41 22.71 4.29
N GLU E 163 -29.91 23.92 4.46
CA GLU E 163 -29.23 24.90 5.31
C GLU E 163 -29.77 24.89 6.73
N ASP E 164 -30.87 24.20 6.98
CA ASP E 164 -31.42 24.08 8.32
C ASP E 164 -31.03 22.72 8.84
N LEU E 165 -30.04 22.71 9.70
CA LEU E 165 -29.65 21.50 10.39
C LEU E 165 -29.99 21.82 11.83
N SER E 166 -31.11 21.29 12.28
CA SER E 166 -31.62 21.53 13.63
C SER E 166 -32.10 20.21 14.15
N SER E 167 -33.08 19.66 13.43
CA SER E 167 -33.81 18.43 13.65
C SER E 167 -32.91 17.20 13.64
N ILE E 168 -31.63 17.40 13.36
CA ILE E 168 -30.67 16.32 13.14
C ILE E 168 -30.09 15.83 14.45
N LYS E 169 -30.31 14.55 14.72
CA LYS E 169 -29.71 13.90 15.87
C LYS E 169 -28.27 13.59 15.51
N PHE E 170 -27.33 14.21 16.23
CA PHE E 170 -25.91 14.11 15.99
C PHE E 170 -25.24 13.32 17.09
N VAL E 171 -24.52 12.27 16.71
CA VAL E 171 -23.75 11.47 17.63
C VAL E 171 -22.29 11.53 17.25
N THR E 172 -21.43 11.67 18.26
CA THR E 172 -20.02 12.02 18.05
C THR E 172 -19.21 11.69 19.31
N ASP E 173 -17.88 11.87 19.22
CA ASP E 173 -16.99 11.72 20.37
C ASP E 173 -16.85 13.06 21.06
N ARG E 174 -16.10 13.06 22.15
CA ARG E 174 -15.95 14.23 22.99
C ARG E 174 -14.70 15.04 22.70
N GLY E 175 -14.05 14.80 21.57
CA GLY E 175 -13.03 15.74 21.14
C GLY E 175 -13.57 17.15 21.17
N ALA E 176 -12.79 18.09 21.72
CA ALA E 176 -13.40 19.39 21.97
C ALA E 176 -13.68 20.15 20.66
N ASN E 177 -12.98 19.82 19.56
CA ASN E 177 -13.24 20.49 18.28
C ASN E 177 -14.67 20.24 17.83
N VAL E 178 -15.05 18.97 17.74
CA VAL E 178 -16.41 18.74 17.29
C VAL E 178 -17.38 19.02 18.45
N VAL E 179 -16.98 18.85 19.72
CA VAL E 179 -17.95 19.08 20.78
C VAL E 179 -18.42 20.53 20.73
N LYS E 180 -17.46 21.46 20.83
CA LYS E 180 -17.80 22.86 20.68
C LYS E 180 -18.54 23.11 19.38
N SER E 181 -17.97 22.69 18.25
CA SER E 181 -18.53 22.98 16.94
C SER E 181 -20.03 22.72 16.85
N LEU E 182 -20.47 21.62 17.42
CA LEU E 182 -21.84 21.18 17.27
C LEU E 182 -22.72 21.63 18.40
N ALA E 183 -22.21 22.47 19.31
CA ALA E 183 -22.91 22.75 20.55
C ALA E 183 -24.38 23.08 20.33
N ASN E 184 -24.70 23.76 19.22
CA ASN E 184 -26.01 24.32 18.91
C ASN E 184 -27.03 23.31 18.41
N ASN E 185 -26.66 22.07 18.12
CA ASN E 185 -27.59 21.04 17.72
C ASN E 185 -27.73 20.00 18.81
N ILE E 186 -28.48 18.96 18.49
CA ILE E 186 -28.55 17.81 19.36
C ILE E 186 -27.27 17.00 19.14
N ARG E 187 -26.48 16.87 20.20
CA ARG E 187 -25.32 15.99 20.23
C ARG E 187 -25.57 14.84 21.18
N ILE E 188 -25.20 13.65 20.74
CA ILE E 188 -25.19 12.49 21.60
C ILE E 188 -23.75 11.99 21.63
N ASN E 189 -23.40 11.20 22.62
CA ASN E 189 -22.00 10.83 22.80
C ASN E 189 -21.75 9.44 22.27
N CYS E 190 -20.63 9.25 21.62
CA CYS E 190 -20.40 7.92 21.07
C CYS E 190 -20.21 7.02 22.26
N SER E 191 -21.03 5.97 22.38
CA SER E 191 -20.94 5.20 23.62
C SER E 191 -19.87 4.14 23.54
N SER E 192 -19.29 3.92 22.36
CA SER E 192 -18.14 3.01 22.32
C SER E 192 -16.89 3.73 22.73
N HIS E 193 -16.71 4.96 22.23
CA HIS E 193 -15.66 5.86 22.71
C HIS E 193 -15.69 5.93 24.23
N LEU E 194 -16.86 6.34 24.76
CA LEU E 194 -17.08 6.43 26.20
C LEU E 194 -16.67 5.14 26.89
N LEU E 195 -17.21 4.02 26.43
CA LEU E 195 -16.91 2.74 27.06
C LEU E 195 -15.44 2.41 26.97
N SER E 196 -14.72 3.00 26.02
CA SER E 196 -13.29 2.77 25.93
C SER E 196 -12.54 3.56 26.99
N ASN E 197 -12.96 4.82 27.17
CA ASN E 197 -12.51 5.66 28.27
C ASN E 197 -12.63 4.93 29.59
N VAL E 198 -13.83 4.47 29.90
CA VAL E 198 -14.07 3.70 31.13
C VAL E 198 -13.03 2.60 31.28
N LEU E 199 -12.86 1.82 30.23
CA LEU E 199 -11.81 0.83 30.23
C LEU E 199 -10.45 1.51 30.34
N GLU E 200 -10.28 2.56 29.54
CA GLU E 200 -8.97 3.20 29.40
C GLU E 200 -8.40 3.58 30.74
N ASN E 201 -9.21 4.26 31.54
CA ASN E 201 -8.79 4.77 32.82
C ASN E 201 -8.82 3.67 33.86
N SER E 202 -9.91 2.91 33.95
CA SER E 202 -9.97 1.80 34.92
C SER E 202 -8.68 1.00 34.88
N PHE E 203 -8.02 0.99 33.75
CA PHE E 203 -6.76 0.31 33.71
C PHE E 203 -5.61 1.20 34.18
N GLU E 204 -5.62 2.50 33.82
CA GLU E 204 -4.56 3.39 34.32
C GLU E 204 -4.51 3.33 35.83
N GLU E 205 -5.67 3.13 36.43
CA GLU E 205 -5.92 3.21 37.84
C GLU E 205 -5.85 1.87 38.55
N THR E 206 -5.40 0.80 37.90
CA THR E 206 -5.04 -0.45 38.59
C THR E 206 -3.64 -0.87 38.15
N PRO E 207 -2.62 -0.12 38.58
CA PRO E 207 -1.28 -0.28 38.01
C PRO E 207 -0.62 -1.64 38.28
N GLU E 208 -1.16 -2.48 39.14
CA GLU E 208 -0.60 -3.82 39.32
C GLU E 208 -1.02 -4.76 38.20
N LEU E 209 -2.15 -4.45 37.59
CA LEU E 209 -2.53 -4.99 36.30
C LEU E 209 -1.90 -4.20 35.14
N ASN E 210 -2.02 -2.88 35.16
CA ASN E 210 -1.52 -2.11 34.05
C ASN E 210 -0.04 -2.33 33.79
N MET E 211 0.71 -2.71 34.80
CA MET E 211 2.14 -2.91 34.59
C MET E 211 2.42 -4.18 33.83
N PRO E 212 1.80 -5.33 34.13
CA PRO E 212 2.01 -6.49 33.22
C PRO E 212 1.48 -6.21 31.80
N ILE E 213 0.31 -5.59 31.68
CA ILE E 213 -0.23 -5.19 30.37
C ILE E 213 0.82 -4.46 29.56
N LEU E 214 1.35 -3.38 30.13
CA LEU E 214 2.35 -2.63 29.38
C LEU E 214 3.60 -3.49 29.13
N ALA E 215 3.96 -4.32 30.09
CA ALA E 215 5.09 -5.21 29.84
C ALA E 215 4.84 -5.94 28.54
N CYS E 216 3.63 -6.52 28.40
CA CYS E 216 3.21 -7.18 27.16
C CYS E 216 3.45 -6.34 25.92
N LYS E 217 2.92 -5.11 25.89
CA LYS E 217 3.06 -4.26 24.72
C LYS E 217 4.49 -4.23 24.24
N ASN E 218 5.43 -4.11 25.15
CA ASN E 218 6.82 -3.96 24.76
C ASN E 218 7.48 -5.29 24.48
N ILE E 219 6.89 -6.38 24.96
CA ILE E 219 7.28 -7.69 24.46
C ILE E 219 7.01 -7.73 22.98
N VAL E 220 5.78 -7.34 22.61
CA VAL E 220 5.36 -7.39 21.22
C VAL E 220 6.33 -6.60 20.38
N LYS E 221 6.46 -5.32 20.70
CA LYS E 221 7.28 -4.48 19.86
C LYS E 221 8.70 -5.04 19.75
N TYR E 222 9.09 -5.93 20.67
CA TYR E 222 10.42 -6.53 20.61
C TYR E 222 10.51 -7.60 19.53
N PHE E 223 9.56 -8.55 19.52
CA PHE E 223 9.53 -9.59 18.50
C PHE E 223 9.48 -8.97 17.11
N LYS E 224 8.64 -7.95 16.97
CA LYS E 224 8.50 -7.26 15.70
C LYS E 224 9.82 -6.69 15.23
N LYS E 225 10.62 -6.11 16.16
CA LYS E 225 11.92 -5.54 15.82
C LYS E 225 12.99 -6.61 15.68
N ALA E 226 13.06 -7.52 16.62
CA ALA E 226 14.09 -8.52 16.49
C ALA E 226 13.76 -9.53 15.42
N ASN E 227 12.57 -9.38 14.84
CA ASN E 227 12.07 -10.25 13.80
C ASN E 227 12.26 -11.69 14.25
N LEU E 228 11.60 -11.95 15.36
CA LEU E 228 11.06 -13.25 15.73
C LEU E 228 9.62 -13.20 15.22
N GLN E 229 8.74 -14.01 15.79
CA GLN E 229 7.35 -14.16 15.33
C GLN E 229 7.24 -15.23 14.27
N HIS E 230 8.35 -15.57 13.62
CA HIS E 230 8.19 -16.54 12.56
C HIS E 230 8.20 -17.95 13.10
N ARG E 231 8.88 -18.16 14.21
CA ARG E 231 8.77 -19.41 14.92
C ARG E 231 7.82 -19.13 16.05
N LEU E 232 6.53 -19.31 15.80
CA LEU E 232 5.53 -19.07 16.83
C LEU E 232 4.27 -19.92 16.63
N ARG E 233 3.68 -19.82 15.44
CA ARG E 233 2.40 -20.38 15.01
C ARG E 233 1.27 -19.44 15.34
N SER E 234 1.51 -18.41 16.12
CA SER E 234 0.73 -17.20 16.03
C SER E 234 1.74 -16.05 15.99
N SER E 235 1.36 -14.94 15.37
CA SER E 235 2.13 -13.72 15.48
C SER E 235 1.64 -12.98 16.70
N LEU E 236 2.54 -12.28 17.40
CA LEU E 236 2.09 -11.44 18.50
C LEU E 236 1.41 -10.21 17.92
N LYS E 237 0.36 -9.78 18.58
CA LYS E 237 -0.53 -8.79 17.99
C LYS E 237 -0.44 -7.55 18.87
N SER E 238 0.27 -6.55 18.39
CA SER E 238 0.39 -5.29 19.11
C SER E 238 -0.98 -4.68 19.47
N GLU E 239 -1.00 -4.10 20.66
CA GLU E 239 -2.15 -3.33 21.11
C GLU E 239 -1.94 -2.03 20.41
N CYS E 240 -2.91 -1.50 19.76
CA CYS E 240 -2.64 -0.23 19.24
C CYS E 240 -3.36 0.73 20.15
N PRO E 241 -2.84 1.93 20.40
CA PRO E 241 -3.59 2.89 21.23
C PRO E 241 -4.97 3.24 20.68
N THR E 242 -5.08 3.51 19.38
CA THR E 242 -6.26 4.13 18.76
C THR E 242 -7.53 3.27 18.81
N ARG E 243 -7.43 1.97 19.01
CA ARG E 243 -8.60 1.12 18.88
C ARG E 243 -8.86 0.35 20.17
N TRP E 244 -10.08 -0.23 20.26
CA TRP E 244 -10.63 -0.67 21.53
C TRP E 244 -9.97 -1.95 21.93
N ASN E 245 -9.10 -1.83 22.92
CA ASN E 245 -8.49 -2.96 23.56
C ASN E 245 -8.22 -4.05 22.51
N SER E 246 -7.43 -3.64 21.53
CA SER E 246 -6.50 -4.59 20.93
C SER E 246 -5.76 -5.31 22.02
N THR E 247 -5.75 -4.69 23.21
CA THR E 247 -5.31 -5.29 24.46
C THR E 247 -5.86 -6.68 24.60
N TYR E 248 -7.18 -6.84 24.37
CA TYR E 248 -7.69 -8.20 24.26
C TYR E 248 -6.81 -8.94 23.27
N THR E 249 -6.90 -8.56 21.99
CA THR E 249 -6.25 -9.32 20.92
C THR E 249 -4.77 -9.48 21.18
N MET E 250 -4.12 -8.47 21.74
CA MET E 250 -2.76 -8.65 22.20
C MET E 250 -2.67 -9.68 23.31
N LEU E 251 -3.35 -9.43 24.42
CA LEU E 251 -3.18 -10.32 25.57
C LEU E 251 -3.46 -11.74 25.16
N ARG E 252 -4.53 -11.96 24.40
CA ARG E 252 -4.71 -13.30 23.87
C ARG E 252 -3.54 -13.70 22.99
N SER E 253 -3.04 -12.79 22.16
CA SER E 253 -2.07 -13.29 21.20
C SER E 253 -0.79 -13.65 21.91
N ILE E 254 -0.44 -12.88 22.94
CA ILE E 254 0.67 -13.16 23.85
C ILE E 254 0.36 -14.39 24.70
N LEU E 255 -0.91 -14.55 25.07
CA LEU E 255 -1.34 -15.69 25.87
C LEU E 255 -1.26 -17.00 25.09
N ASP E 256 -1.71 -16.99 23.83
CA ASP E 256 -1.74 -18.23 23.06
C ASP E 256 -0.35 -18.71 22.72
N ASN E 257 0.68 -17.87 22.86
CA ASN E 257 2.06 -18.25 22.59
C ASN E 257 2.88 -18.49 23.85
N TRP E 258 2.22 -18.58 24.99
CA TRP E 258 2.87 -18.39 26.28
C TRP E 258 4.22 -19.08 26.46
N GLU E 259 4.28 -20.38 26.22
CA GLU E 259 5.53 -21.08 26.52
C GLU E 259 6.61 -20.68 25.54
N SER E 260 6.25 -20.56 24.26
CA SER E 260 7.24 -20.18 23.25
C SER E 260 7.87 -18.85 23.63
N VAL E 261 7.05 -17.90 24.05
CA VAL E 261 7.53 -16.54 24.27
C VAL E 261 8.65 -16.53 25.31
N ILE E 262 8.43 -17.14 26.48
CA ILE E 262 9.50 -17.15 27.49
C ILE E 262 10.70 -17.91 26.99
N GLN E 263 10.47 -19.03 26.31
CA GLN E 263 11.58 -19.79 25.76
C GLN E 263 12.42 -18.79 24.99
N ILE E 264 11.82 -18.25 23.92
CA ILE E 264 12.58 -17.45 22.97
C ILE E 264 13.21 -16.27 23.66
N LEU E 265 12.52 -15.73 24.66
CA LEU E 265 12.92 -14.47 25.26
C LEU E 265 14.03 -14.65 26.28
N SER E 266 13.85 -15.62 27.18
CA SER E 266 14.92 -15.99 28.09
C SER E 266 16.11 -16.47 27.30
N GLU E 267 15.87 -17.41 26.38
CA GLU E 267 16.97 -17.93 25.57
C GLU E 267 17.60 -16.86 24.68
N ALA E 268 16.99 -15.68 24.63
CA ALA E 268 17.66 -14.49 24.12
C ALA E 268 18.31 -13.68 25.23
N GLY E 269 18.25 -14.15 26.48
CA GLY E 269 18.83 -13.38 27.57
C GLY E 269 18.20 -12.02 27.76
N GLU E 270 17.11 -11.78 27.04
CA GLU E 270 16.28 -10.60 27.19
C GLU E 270 15.15 -10.85 28.19
N THR E 271 15.20 -11.97 28.92
CA THR E 271 14.11 -12.41 29.81
C THR E 271 13.75 -11.39 30.89
N GLN E 272 14.55 -10.35 31.06
CA GLN E 272 14.16 -9.30 31.98
C GLN E 272 12.82 -8.67 31.63
N ARG E 273 12.29 -8.93 30.44
CA ARG E 273 11.02 -8.35 30.00
C ARG E 273 9.80 -9.17 30.40
N ILE E 274 10.01 -10.40 30.85
CA ILE E 274 8.91 -11.25 31.28
C ILE E 274 8.78 -11.26 32.80
N VAL E 275 9.53 -10.41 33.52
CA VAL E 275 9.72 -10.56 34.97
C VAL E 275 8.48 -10.23 35.79
N HIS E 276 7.58 -9.39 35.30
CA HIS E 276 6.31 -9.22 36.01
C HIS E 276 5.23 -9.82 35.12
N ILE E 277 4.78 -11.01 35.50
CA ILE E 277 4.23 -12.00 34.58
C ILE E 277 2.80 -12.37 34.92
N ASN E 278 2.65 -13.23 35.94
CA ASN E 278 1.38 -13.78 36.40
C ASN E 278 0.48 -14.20 35.24
N LYS E 279 0.98 -15.17 34.47
CA LYS E 279 0.22 -15.73 33.37
C LYS E 279 -1.16 -16.15 33.82
N SER E 280 -1.29 -16.50 35.09
CA SER E 280 -2.61 -16.64 35.70
C SER E 280 -3.42 -15.36 35.55
N ILE E 281 -2.90 -14.27 36.10
CA ILE E 281 -3.64 -13.03 36.10
C ILE E 281 -3.88 -12.53 34.68
N ILE E 282 -3.06 -12.95 33.71
CA ILE E 282 -3.29 -12.53 32.34
C ILE E 282 -4.48 -13.26 31.73
N GLN E 283 -4.50 -14.59 31.81
CA GLN E 283 -5.70 -15.31 31.38
C GLN E 283 -6.96 -14.65 31.93
N THR E 284 -6.90 -14.23 33.18
CA THR E 284 -8.05 -13.56 33.78
C THR E 284 -8.45 -12.35 32.95
N MET E 285 -7.48 -11.52 32.59
CA MET E 285 -7.82 -10.31 31.86
C MET E 285 -8.44 -10.64 30.52
N VAL E 286 -7.79 -11.50 29.73
CA VAL E 286 -8.34 -11.75 28.41
C VAL E 286 -9.78 -12.30 28.50
N ASN E 287 -10.09 -13.03 29.57
CA ASN E 287 -11.44 -13.53 29.73
C ASN E 287 -12.40 -12.40 30.11
N ILE E 288 -12.07 -11.65 31.16
CA ILE E 288 -12.83 -10.43 31.48
C ILE E 288 -13.00 -9.59 30.23
N LEU E 289 -11.87 -9.36 29.55
CA LEU E 289 -11.87 -8.50 28.39
C LEU E 289 -12.78 -9.06 27.30
N ASP E 290 -12.95 -10.38 27.27
CA ASP E 290 -13.53 -11.02 26.10
C ASP E 290 -15.01 -10.70 25.89
N GLY E 291 -15.77 -10.52 26.95
CA GLY E 291 -17.16 -10.23 26.70
C GLY E 291 -17.48 -8.78 26.48
N PHE E 292 -16.48 -7.90 26.57
CA PHE E 292 -16.69 -6.50 26.19
C PHE E 292 -16.65 -6.38 24.68
N GLU E 293 -15.94 -7.32 24.05
CA GLU E 293 -15.94 -7.50 22.61
C GLU E 293 -17.35 -7.44 22.05
N ARG E 294 -18.16 -8.39 22.48
CA ARG E 294 -19.55 -8.41 22.08
C ARG E 294 -20.17 -7.03 22.23
N ILE E 295 -20.10 -6.45 23.43
CA ILE E 295 -20.76 -5.17 23.63
C ILE E 295 -20.20 -4.16 22.64
N PHE E 296 -18.90 -4.21 22.40
CA PHE E 296 -18.34 -3.23 21.48
C PHE E 296 -18.97 -3.40 20.13
N LYS E 297 -19.12 -4.67 19.70
CA LYS E 297 -19.71 -4.99 18.41
C LYS E 297 -21.18 -4.53 18.34
N GLU E 298 -21.99 -4.91 19.33
CA GLU E 298 -23.40 -4.49 19.31
C GLU E 298 -23.54 -2.98 19.41
N LEU E 299 -22.53 -2.29 19.91
CA LEU E 299 -22.69 -0.86 20.07
C LEU E 299 -22.46 -0.13 18.76
N GLN E 300 -21.54 -0.64 17.94
CA GLN E 300 -21.24 0.09 16.72
C GLN E 300 -21.99 -0.44 15.50
N THR E 301 -22.81 -1.49 15.64
CA THR E 301 -23.63 -1.91 14.50
C THR E 301 -24.47 -0.73 14.04
N CYS E 302 -24.21 -0.28 12.83
CA CYS E 302 -25.03 0.78 12.29
C CYS E 302 -25.99 0.27 11.22
N SER E 303 -26.01 -1.04 10.93
CA SER E 303 -27.22 -1.59 10.32
C SER E 303 -27.86 -2.65 11.23
N SER E 304 -28.81 -2.20 12.05
CA SER E 304 -29.81 -2.78 12.96
C SER E 304 -29.98 -1.60 13.94
N PRO E 305 -30.93 -1.57 14.87
CA PRO E 305 -30.89 -0.48 15.85
C PRO E 305 -29.91 -0.78 16.99
N SER E 306 -29.38 0.33 17.55
CA SER E 306 -28.17 0.34 18.39
C SER E 306 -28.38 1.06 19.72
N LEU E 307 -28.81 2.31 19.63
CA LEU E 307 -29.06 3.17 20.77
C LEU E 307 -29.78 2.48 21.92
N CYS E 308 -30.87 1.79 21.60
CA CYS E 308 -31.67 1.11 22.59
C CYS E 308 -30.86 0.12 23.44
N PHE E 309 -29.68 -0.30 22.99
CA PHE E 309 -28.91 -1.25 23.79
C PHE E 309 -27.94 -0.60 24.77
N VAL E 310 -27.85 0.73 24.80
CA VAL E 310 -26.75 1.36 25.51
C VAL E 310 -26.86 1.10 27.00
N VAL E 311 -28.00 1.48 27.57
CA VAL E 311 -28.33 1.20 28.97
C VAL E 311 -28.05 -0.26 29.36
N PRO E 312 -28.70 -1.27 28.76
CA PRO E 312 -28.53 -2.63 29.30
C PRO E 312 -27.13 -3.13 29.09
N SER E 313 -26.48 -2.65 28.02
CA SER E 313 -25.08 -2.94 27.81
C SER E 313 -24.28 -2.55 29.05
N ILE E 314 -24.59 -1.37 29.60
CA ILE E 314 -23.95 -0.96 30.85
C ILE E 314 -24.22 -1.99 31.94
N LEU E 315 -25.48 -2.30 32.19
CA LEU E 315 -25.80 -3.29 33.21
C LEU E 315 -24.96 -4.55 33.02
N LYS E 316 -24.91 -5.06 31.79
CA LYS E 316 -24.09 -6.24 31.51
C LYS E 316 -22.60 -5.99 31.81
N VAL E 317 -22.18 -4.72 31.80
CA VAL E 317 -20.81 -4.43 32.21
C VAL E 317 -20.60 -4.67 33.68
N LYS E 318 -21.63 -4.42 34.49
CA LYS E 318 -21.60 -4.64 35.92
C LYS E 318 -21.65 -6.12 36.30
N GLU E 319 -22.61 -6.86 35.77
CA GLU E 319 -22.64 -8.30 36.07
C GLU E 319 -21.38 -8.99 35.59
N ILE E 320 -20.63 -8.32 34.71
CA ILE E 320 -19.26 -8.70 34.41
C ILE E 320 -18.36 -8.41 35.61
N CYS E 321 -18.43 -7.20 36.17
CA CYS E 321 -17.60 -6.80 37.30
C CYS E 321 -18.28 -6.94 38.65
N SER E 322 -19.49 -7.53 38.69
CA SER E 322 -20.16 -7.76 39.96
C SER E 322 -19.28 -8.66 40.82
N PRO E 323 -19.03 -8.29 42.08
CA PRO E 323 -17.84 -8.80 42.78
C PRO E 323 -17.87 -10.30 42.98
N ASP E 324 -16.68 -10.84 43.16
CA ASP E 324 -16.51 -12.27 43.33
C ASP E 324 -15.44 -12.44 44.40
N VAL E 325 -15.76 -13.18 45.45
CA VAL E 325 -14.83 -13.45 46.54
C VAL E 325 -14.13 -14.77 46.23
N GLY E 326 -12.82 -14.71 46.09
CA GLY E 326 -12.10 -15.62 45.22
C GLY E 326 -11.57 -14.94 43.98
N ASP E 327 -11.80 -13.64 43.84
CA ASP E 327 -11.11 -12.83 42.85
C ASP E 327 -9.84 -12.34 43.53
N VAL E 328 -8.67 -12.83 43.07
CA VAL E 328 -7.41 -12.33 43.62
C VAL E 328 -7.46 -10.80 43.59
N ALA E 329 -6.93 -10.18 44.62
CA ALA E 329 -7.39 -8.83 44.99
C ALA E 329 -7.23 -7.85 43.83
N ASP E 330 -6.13 -8.00 43.10
CA ASP E 330 -5.89 -7.30 41.84
C ASP E 330 -7.15 -7.29 40.95
N ILE E 331 -7.58 -8.50 40.52
CA ILE E 331 -8.77 -8.74 39.71
C ILE E 331 -9.94 -7.92 40.23
N ALA E 332 -10.21 -8.04 41.54
CA ALA E 332 -11.38 -7.37 42.08
C ALA E 332 -11.17 -5.87 42.27
N LYS E 333 -9.94 -5.35 42.18
CA LYS E 333 -9.82 -3.90 42.17
C LYS E 333 -10.14 -3.34 40.80
N LEU E 334 -9.69 -4.03 39.76
CA LEU E 334 -10.10 -3.66 38.42
C LEU E 334 -11.62 -3.63 38.34
N LYS E 335 -12.26 -4.76 38.68
CA LYS E 335 -13.71 -4.86 38.66
C LYS E 335 -14.34 -3.65 39.33
N VAL E 336 -13.85 -3.33 40.52
CA VAL E 336 -14.45 -2.25 41.29
C VAL E 336 -14.15 -0.91 40.63
N ASN E 337 -12.99 -0.82 40.00
CA ASN E 337 -12.58 0.42 39.38
C ASN E 337 -13.35 0.67 38.11
N ILE E 338 -13.62 -0.37 37.33
CA ILE E 338 -14.66 -0.30 36.29
C ILE E 338 -15.95 0.26 36.86
N ILE E 339 -16.58 -0.47 37.80
CA ILE E 339 -17.96 -0.13 38.16
C ILE E 339 -18.06 1.33 38.60
N LYS E 340 -16.95 1.91 39.05
CA LYS E 340 -16.99 3.32 39.43
C LYS E 340 -17.11 4.23 38.21
N ASN E 341 -16.24 4.08 37.21
CA ASN E 341 -16.31 4.96 36.05
C ASN E 341 -17.41 4.57 35.08
N VAL E 342 -17.89 3.33 35.17
CA VAL E 342 -19.15 2.99 34.55
C VAL E 342 -20.20 4.04 34.90
N ARG E 343 -20.22 4.46 36.18
CA ARG E 343 -21.10 5.53 36.65
C ARG E 343 -20.63 6.89 36.20
N ILE E 344 -19.35 7.21 36.43
CA ILE E 344 -18.95 8.60 36.36
C ILE E 344 -18.41 9.04 35.00
N ILE E 345 -18.07 8.09 34.11
CA ILE E 345 -17.77 8.44 32.73
C ILE E 345 -18.95 8.07 31.86
N TRP E 346 -19.32 6.79 31.88
CA TRP E 346 -20.29 6.34 30.89
C TRP E 346 -21.66 6.87 31.27
N GLU E 347 -22.25 6.38 32.37
CA GLU E 347 -23.63 6.74 32.69
C GLU E 347 -23.83 8.25 32.71
N GLU E 348 -22.82 8.98 33.22
CA GLU E 348 -22.92 10.43 33.44
C GLU E 348 -23.14 11.20 32.15
N ASN E 349 -22.75 10.63 31.03
CA ASN E 349 -22.83 11.32 29.77
C ASN E 349 -24.07 10.91 28.97
N LEU E 350 -24.97 10.12 29.54
CA LEU E 350 -26.12 9.73 28.72
C LEU E 350 -27.13 10.88 28.62
N SER E 351 -28.02 10.76 27.63
CA SER E 351 -29.06 11.74 27.32
C SER E 351 -30.44 11.08 27.42
N ILE E 352 -31.48 11.93 27.46
CA ILE E 352 -32.85 11.40 27.52
C ILE E 352 -33.08 10.42 26.39
N TRP E 353 -32.38 10.62 25.26
CA TRP E 353 -32.50 9.70 24.11
C TRP E 353 -32.16 8.25 24.51
N HIS E 354 -31.13 8.01 25.30
CA HIS E 354 -30.76 6.62 25.60
C HIS E 354 -31.81 5.89 26.42
N TYR E 355 -32.50 6.63 27.30
CA TYR E 355 -33.48 6.05 28.21
C TYR E 355 -34.81 5.88 27.53
N THR E 356 -35.18 6.93 26.79
CA THR E 356 -36.29 6.86 25.86
C THR E 356 -36.12 5.65 24.94
N ALA E 357 -34.98 5.56 24.25
CA ALA E 357 -34.75 4.45 23.35
C ALA E 357 -34.69 3.12 24.07
N PHE E 358 -34.56 3.10 25.37
CA PHE E 358 -34.68 1.81 26.02
C PHE E 358 -36.14 1.44 26.22
N PHE E 359 -36.97 2.45 26.46
CA PHE E 359 -38.40 2.22 26.66
C PHE E 359 -39.05 1.72 25.39
N PHE E 360 -38.65 2.24 24.26
CA PHE E 360 -39.18 1.95 22.95
C PHE E 360 -38.69 0.64 22.42
N TYR E 361 -38.08 -0.11 23.34
CA TYR E 361 -37.88 -1.55 23.20
C TYR E 361 -38.76 -2.17 24.24
N PRO E 362 -39.81 -2.86 23.81
CA PRO E 362 -41.02 -3.02 24.63
C PRO E 362 -40.83 -3.95 25.83
N PRO E 363 -39.87 -4.89 25.81
CA PRO E 363 -39.58 -5.57 27.08
C PRO E 363 -38.86 -4.69 28.08
N ALA E 364 -39.35 -3.45 28.25
CA ALA E 364 -38.93 -2.51 29.29
C ALA E 364 -40.04 -2.48 30.35
N LEU E 365 -39.79 -3.17 31.44
CA LEU E 365 -40.53 -3.12 32.68
C LEU E 365 -39.76 -2.31 33.71
N HIS E 366 -38.56 -2.79 34.00
CA HIS E 366 -37.57 -2.20 34.90
C HIS E 366 -37.28 -0.73 34.68
N MET E 367 -37.32 -0.23 33.43
CA MET E 367 -36.74 1.07 33.14
C MET E 367 -37.37 2.19 33.98
N GLN E 368 -38.40 1.85 34.75
CA GLN E 368 -39.24 2.76 35.50
C GLN E 368 -38.46 3.89 36.17
N GLN E 369 -37.73 3.55 37.23
CA GLN E 369 -36.80 4.43 37.92
C GLN E 369 -37.39 5.79 38.22
N GLU E 370 -36.56 6.81 38.11
CA GLU E 370 -36.98 8.20 37.99
C GLU E 370 -37.29 8.56 36.55
N LYS E 371 -37.03 7.62 35.64
CA LYS E 371 -36.79 7.97 34.25
C LYS E 371 -38.09 8.33 33.54
N VAL E 372 -39.12 7.51 33.71
CA VAL E 372 -40.38 7.67 33.00
C VAL E 372 -40.91 9.07 33.22
N ALA E 373 -40.47 9.70 34.31
CA ALA E 373 -40.73 11.11 34.53
C ALA E 373 -40.22 11.95 33.36
N GLN E 374 -38.91 12.14 33.23
CA GLN E 374 -38.40 12.95 32.14
C GLN E 374 -38.64 12.28 30.80
N ILE E 375 -38.78 10.94 30.79
CA ILE E 375 -39.06 10.22 29.56
C ILE E 375 -40.27 10.82 28.87
N LYS E 376 -41.39 10.85 29.59
CA LYS E 376 -42.62 11.33 29.01
C LYS E 376 -42.56 12.83 28.76
N GLU E 377 -41.99 13.59 29.71
CA GLU E 377 -41.75 15.01 29.47
C GLU E 377 -41.09 15.20 28.13
N PHE E 378 -40.09 14.38 27.85
CA PHE E 378 -39.50 14.29 26.52
C PHE E 378 -40.51 13.86 25.45
N CYS E 379 -40.89 12.58 25.39
CA CYS E 379 -41.49 12.09 24.13
C CYS E 379 -42.67 12.96 23.71
N LEU E 380 -43.40 13.50 24.68
CA LEU E 380 -44.48 14.40 24.34
C LEU E 380 -43.99 15.80 24.05
N SER E 381 -42.83 16.19 24.57
CA SER E 381 -42.31 17.54 24.30
C SER E 381 -42.25 17.83 22.81
N LYS E 382 -41.79 16.87 22.01
CA LYS E 382 -41.78 16.98 20.55
C LYS E 382 -42.95 16.25 19.86
N MET E 383 -43.71 15.40 20.57
CA MET E 383 -44.70 14.55 19.89
C MET E 383 -45.86 15.37 19.34
N GLU E 384 -46.47 16.17 20.20
CA GLU E 384 -47.62 16.99 19.83
C GLU E 384 -47.25 18.00 18.75
N ASP E 385 -46.23 18.84 19.00
CA ASP E 385 -46.07 20.07 18.22
C ASP E 385 -45.42 19.82 16.85
N LEU E 386 -44.39 18.99 16.76
CA LEU E 386 -43.81 18.75 15.45
C LEU E 386 -44.65 17.63 14.86
N GLU E 387 -45.55 18.03 13.97
CA GLU E 387 -46.38 17.14 13.20
C GLU E 387 -46.45 17.80 11.86
N LEU E 388 -46.12 17.07 10.80
CA LEU E 388 -45.95 17.74 9.52
C LEU E 388 -46.31 16.77 8.39
N PRO E 422 -60.81 10.01 19.85
CA PRO E 422 -59.57 9.68 19.14
C PRO E 422 -58.24 9.89 19.91
N VAL E 423 -58.17 9.32 21.13
CA VAL E 423 -56.92 8.91 21.82
C VAL E 423 -55.80 9.95 21.82
N SER E 424 -55.86 10.91 22.77
CA SER E 424 -54.88 11.99 22.95
C SER E 424 -53.44 11.46 23.04
N PRO E 425 -52.46 12.27 22.61
CA PRO E 425 -51.07 11.76 22.58
C PRO E 425 -50.61 11.20 23.92
N SER E 426 -51.06 11.84 25.00
CA SER E 426 -50.70 11.44 26.37
C SER E 426 -51.21 10.05 26.74
N ASP E 427 -52.27 9.57 26.11
CA ASP E 427 -52.72 8.23 26.44
C ASP E 427 -51.82 7.18 25.80
N GLU E 428 -51.51 7.37 24.52
CA GLU E 428 -50.82 6.37 23.73
C GLU E 428 -49.52 5.92 24.40
N PHE E 429 -48.89 6.82 25.16
CA PHE E 429 -47.88 6.47 26.14
C PHE E 429 -48.43 5.43 27.09
N GLU E 430 -49.41 5.86 27.90
CA GLU E 430 -49.91 4.96 28.94
C GLU E 430 -50.55 3.74 28.33
N PHE E 431 -51.24 3.91 27.22
CA PHE E 431 -51.65 2.74 26.49
C PHE E 431 -50.44 1.90 26.12
N TYR E 432 -49.41 2.53 25.54
CA TYR E 432 -48.18 1.80 25.35
C TYR E 432 -47.73 1.19 26.67
N ARG E 433 -47.67 2.02 27.71
CA ARG E 433 -47.21 1.53 29.02
C ARG E 433 -47.87 0.20 29.39
N LYS E 434 -49.15 0.03 29.07
CA LYS E 434 -49.70 -1.30 29.31
C LYS E 434 -49.25 -2.32 28.29
N GLU E 435 -48.46 -1.96 27.28
CA GLU E 435 -47.95 -3.01 26.41
C GLU E 435 -46.98 -3.91 27.17
N ILE E 436 -47.17 -5.22 27.02
CA ILE E 436 -46.49 -6.25 27.81
C ILE E 436 -46.10 -7.42 26.90
N VAL E 437 -44.80 -7.68 26.73
CA VAL E 437 -44.27 -8.52 25.65
C VAL E 437 -43.28 -9.55 26.18
N ILE E 438 -43.34 -10.77 25.61
CA ILE E 438 -42.27 -11.76 25.82
C ILE E 438 -41.08 -11.44 24.93
N LEU E 439 -39.92 -11.99 25.28
CA LEU E 439 -38.70 -11.77 24.52
C LEU E 439 -38.44 -12.94 23.59
N SER E 440 -38.58 -12.71 22.30
CA SER E 440 -38.15 -13.67 21.28
C SER E 440 -36.65 -13.56 21.08
N GLU E 441 -35.97 -14.70 21.09
CA GLU E 441 -34.59 -14.72 20.62
C GLU E 441 -34.46 -14.03 19.26
N ASP E 442 -35.48 -14.17 18.42
CA ASP E 442 -35.51 -13.57 17.10
C ASP E 442 -36.09 -12.18 17.10
N PHE E 443 -36.37 -11.61 18.27
CA PHE E 443 -37.05 -10.32 18.34
C PHE E 443 -36.36 -9.32 17.42
N LYS E 444 -37.18 -8.55 16.71
CA LYS E 444 -36.70 -7.41 15.95
C LYS E 444 -37.67 -6.28 16.24
N VAL E 445 -37.19 -5.25 16.92
CA VAL E 445 -38.08 -4.20 17.37
C VAL E 445 -38.21 -3.11 16.33
N MET E 446 -37.31 -3.11 15.33
CA MET E 446 -37.53 -2.28 14.15
C MET E 446 -38.92 -2.53 13.61
N GLU E 447 -39.23 -3.80 13.36
CA GLU E 447 -40.49 -4.20 12.74
C GLU E 447 -41.63 -4.30 13.75
N TRP E 448 -41.34 -4.65 15.00
CA TRP E 448 -42.35 -4.55 16.04
C TRP E 448 -43.03 -3.20 15.95
N TRP E 449 -42.27 -2.13 16.09
CA TRP E 449 -42.89 -0.81 15.99
C TRP E 449 -43.59 -0.56 14.65
N ASN E 450 -43.35 -1.41 13.63
CA ASN E 450 -44.15 -1.43 12.40
C ASN E 450 -45.39 -2.34 12.46
N LEU E 451 -45.28 -3.55 13.03
CA LEU E 451 -46.46 -4.42 13.12
C LEU E 451 -47.54 -3.80 14.01
N ASN E 452 -47.18 -3.38 15.21
CA ASN E 452 -48.07 -2.68 16.11
C ASN E 452 -48.08 -1.17 15.82
N SER E 453 -47.50 -0.79 14.69
CA SER E 453 -47.47 0.60 14.26
C SER E 453 -48.88 1.15 14.16
N LYS E 454 -48.98 2.47 14.38
CA LYS E 454 -50.22 3.22 14.24
C LYS E 454 -51.14 2.84 15.38
N LYS E 455 -50.87 1.70 16.03
CA LYS E 455 -51.60 1.30 17.21
C LYS E 455 -51.19 2.15 18.40
N TYR E 456 -50.12 2.92 18.23
CA TYR E 456 -49.81 4.08 19.04
C TYR E 456 -49.40 5.13 18.01
N PRO E 457 -50.37 5.67 17.29
CA PRO E 457 -50.08 6.37 16.04
C PRO E 457 -49.24 7.64 16.15
N LYS E 458 -49.59 8.57 17.06
CA LYS E 458 -48.71 9.73 17.26
C LYS E 458 -47.43 9.34 18.00
N LEU E 459 -47.36 8.09 18.49
CA LEU E 459 -46.19 7.43 19.06
C LEU E 459 -45.38 6.70 17.99
N SER E 460 -46.02 5.76 17.27
CA SER E 460 -45.39 4.72 16.47
C SER E 460 -44.16 5.20 15.70
N LYS E 461 -44.21 6.43 15.19
CA LYS E 461 -43.07 6.99 14.47
C LYS E 461 -42.01 7.60 15.39
N LEU E 462 -42.28 7.85 16.68
CA LEU E 462 -41.21 8.31 17.57
C LEU E 462 -40.19 7.20 17.80
N ALA E 463 -40.65 6.00 18.15
CA ALA E 463 -39.74 4.86 18.16
C ALA E 463 -39.19 4.57 16.78
N LEU E 464 -39.69 5.21 15.74
CA LEU E 464 -38.98 5.16 14.47
C LEU E 464 -37.77 6.08 14.49
N SER E 465 -37.97 7.34 14.84
CA SER E 465 -36.84 8.25 14.82
C SER E 465 -35.81 7.87 15.86
N LEU E 466 -36.21 7.14 16.90
CA LEU E 466 -35.27 6.79 17.99
C LEU E 466 -34.43 5.56 17.67
N LEU E 467 -35.04 4.48 17.22
CA LEU E 467 -34.28 3.27 16.92
C LEU E 467 -33.40 3.40 15.68
N SER E 468 -33.50 4.52 14.95
CA SER E 468 -32.64 4.84 13.81
C SER E 468 -31.46 5.73 14.19
N ILE E 469 -31.27 5.97 15.49
CA ILE E 469 -30.10 6.70 15.93
C ILE E 469 -28.98 5.70 16.24
N PRO E 470 -27.74 5.99 15.78
CA PRO E 470 -26.72 4.97 15.65
C PRO E 470 -26.01 4.58 16.93
N ALA E 471 -25.98 5.43 17.95
CA ALA E 471 -25.34 5.14 19.23
C ALA E 471 -23.82 5.17 19.21
N SER E 472 -23.19 5.39 18.06
CA SER E 472 -21.74 5.29 18.00
C SER E 472 -21.21 5.99 16.76
N SER E 473 -19.95 6.41 16.84
CA SER E 473 -19.31 7.22 15.82
C SER E 473 -18.62 6.36 14.78
N ALA E 474 -18.80 5.03 14.87
CA ALA E 474 -18.06 4.10 14.03
C ALA E 474 -18.37 4.24 12.54
N ALA E 475 -19.63 4.52 12.19
CA ALA E 475 -19.93 4.76 10.78
C ALA E 475 -18.90 5.71 10.18
N SER E 476 -18.46 6.69 10.96
CA SER E 476 -17.44 7.60 10.50
C SER E 476 -16.10 6.89 10.31
N GLU E 477 -15.69 6.11 11.30
CA GLU E 477 -14.39 5.49 11.15
C GLU E 477 -14.41 4.54 9.96
N ARG E 478 -15.54 3.87 9.71
CA ARG E 478 -15.62 2.93 8.59
C ARG E 478 -15.30 3.65 7.30
N THR E 479 -15.98 4.76 7.11
CA THR E 479 -15.69 5.68 6.01
C THR E 479 -14.19 5.96 5.88
N PHE E 480 -13.55 6.37 6.99
CA PHE E 480 -12.11 6.65 6.98
C PHE E 480 -11.32 5.43 6.53
N SER E 481 -11.57 4.29 7.14
CA SER E 481 -10.85 3.09 6.79
C SER E 481 -10.83 2.93 5.28
N LEU E 482 -12.04 3.00 4.67
CA LEU E 482 -12.23 2.98 3.23
C LEU E 482 -11.40 4.05 2.53
N ALA E 483 -11.45 5.29 3.05
CA ALA E 483 -10.70 6.40 2.46
C ALA E 483 -9.19 6.15 2.40
N GLY E 484 -8.68 5.37 3.34
CA GLY E 484 -7.27 5.14 3.29
C GLY E 484 -6.88 3.99 2.42
N ASN E 485 -7.86 3.23 1.95
CA ASN E 485 -7.55 2.28 0.87
C ASN E 485 -7.65 2.95 -0.46
N ILE E 486 -8.28 4.11 -0.52
CA ILE E 486 -8.17 4.92 -1.72
C ILE E 486 -6.83 5.63 -1.72
N ILE E 487 -6.39 6.21 -0.60
CA ILE E 487 -5.27 7.15 -0.65
C ILE E 487 -4.00 6.44 -0.20
N THR E 488 -3.21 6.02 -1.16
CA THR E 488 -2.15 5.08 -0.92
C THR E 488 -0.86 5.68 -1.47
N GLU E 489 0.22 4.94 -1.35
CA GLU E 489 1.48 5.48 -1.80
C GLU E 489 1.40 5.95 -3.24
N LYS E 490 1.02 5.05 -4.13
CA LYS E 490 1.09 5.37 -5.54
C LYS E 490 -0.15 6.13 -6.02
N ARG E 491 -1.21 6.07 -5.24
CA ARG E 491 -2.41 6.81 -5.48
C ARG E 491 -2.37 8.19 -4.86
N ASN E 492 -1.20 8.65 -4.38
CA ASN E 492 -1.14 9.84 -3.50
C ASN E 492 -1.59 11.13 -4.19
N ARG E 493 -1.51 11.16 -5.53
CA ARG E 493 -1.88 12.28 -6.39
C ARG E 493 -3.37 12.64 -6.37
N ILE E 494 -4.26 11.69 -6.04
CA ILE E 494 -5.69 11.90 -6.11
C ILE E 494 -6.12 13.08 -5.26
N GLY E 495 -7.24 13.66 -5.62
CA GLY E 495 -7.71 14.85 -4.96
C GLY E 495 -8.85 14.56 -4.04
N GLN E 496 -9.19 15.58 -3.23
CA GLN E 496 -10.31 15.56 -2.29
C GLN E 496 -11.60 15.11 -2.96
N GLN E 497 -12.04 15.90 -3.95
CA GLN E 497 -13.16 15.60 -4.80
C GLN E 497 -13.09 14.14 -5.23
N THR E 498 -12.13 13.79 -6.09
CA THR E 498 -12.07 12.44 -6.65
C THR E 498 -12.17 11.37 -5.57
N VAL E 499 -11.80 11.69 -4.34
CA VAL E 499 -12.03 10.74 -3.26
C VAL E 499 -13.46 10.84 -2.74
N ASP E 500 -13.91 12.05 -2.45
CA ASP E 500 -15.23 12.15 -1.86
C ASP E 500 -16.25 11.54 -2.81
N SER E 501 -16.01 11.74 -4.12
CA SER E 501 -16.88 11.18 -5.15
C SER E 501 -16.86 9.66 -5.13
N LEU E 502 -15.68 9.07 -5.30
CA LEU E 502 -15.53 7.62 -5.18
C LEU E 502 -16.22 7.06 -3.95
N LEU E 503 -16.26 7.83 -2.86
CA LEU E 503 -16.72 7.24 -1.61
C LEU E 503 -18.22 7.26 -1.51
N PHE E 504 -18.82 8.39 -1.87
CA PHE E 504 -20.27 8.53 -1.88
C PHE E 504 -20.92 7.42 -2.69
N LEU E 505 -20.42 7.21 -3.92
CA LEU E 505 -20.92 6.19 -4.84
C LEU E 505 -20.95 4.81 -4.20
N ASN E 506 -19.78 4.32 -3.79
CA ASN E 506 -19.72 3.01 -3.15
C ASN E 506 -20.75 2.90 -2.03
N SER E 507 -21.02 4.01 -1.32
CA SER E 507 -22.11 3.95 -0.35
C SER E 507 -23.47 4.02 -1.05
N PHE E 508 -23.57 4.75 -2.15
CA PHE E 508 -24.82 4.80 -2.92
C PHE E 508 -25.22 3.44 -3.47
N TYR E 509 -24.33 2.82 -4.23
CA TYR E 509 -24.60 1.47 -4.74
C TYR E 509 -24.94 0.49 -3.63
N LYS E 510 -24.44 0.71 -2.43
CA LYS E 510 -24.70 -0.22 -1.33
C LYS E 510 -26.09 0.02 -0.71
N ASN E 511 -26.48 1.27 -0.52
CA ASN E 511 -27.79 1.51 0.07
C ASN E 511 -28.90 1.22 -0.93
N PHE E 512 -28.73 1.76 -2.14
CA PHE E 512 -29.78 1.98 -3.11
C PHE E 512 -29.83 0.98 -4.28
N CYS E 513 -29.01 -0.07 -4.31
CA CYS E 513 -28.96 -0.90 -5.51
C CYS E 513 -29.00 -2.40 -5.20
N LYS E 514 -30.04 -3.07 -5.69
CA LYS E 514 -30.03 -4.54 -5.87
C LYS E 514 -30.07 -4.87 -7.36
#